data_3DOK
#
_entry.id   3DOK
#
_cell.length_a   136.940
_cell.length_b   109.770
_cell.length_c   72.480
_cell.angle_alpha   90.00
_cell.angle_beta   90.00
_cell.angle_gamma   90.00
#
_symmetry.space_group_name_H-M   'P 21 21 21'
#
loop_
_entity.id
_entity.type
_entity.pdbx_description
1 polymer 'Reverse transcriptase/ribonuclease H'
2 polymer 'p51 RT'
3 non-polymer 'PHOSPHATE ION'
4 non-polymer 2-{4-chloro-2-[(3-chloro-5-cyanophenyl)carbonyl]phenoxy}-N-(2-methyl-4-sulfamoylphenyl)acetamide
5 water water
#
loop_
_entity_poly.entity_id
_entity_poly.type
_entity_poly.pdbx_seq_one_letter_code
_entity_poly.pdbx_strand_id
1 'polypeptide(L)'
;PISPIETVPVKLKPGMDGPKVKQWPLTEEKIKALVEICTEMEKEGKISKIGPENPYNTPVFAIKKKDSTKWRKLVDFREL
NKRTQDFWEVQLGIPHPAGLKKNKSVTVLDVGDAYFSVPLDEDFRKYTAFTIPSINNETPGIRYQYNVLPQGWKGSPAIF
QSSMTKILEPFRKQNPDIVIYQYMDDLYVGSDLEIGQHRTKIEELRQHLLRWGLTTPDKKHQKEPPFLWMGYELHPDKWT
VQPIVLPEKDSWTVNDIQKLVGKLNWASQIYPGIKVRQL(CSD)KLLRGTKALTEVIPLTEEAELELAENREILKEPVHG
VYYDPSKDLIAEIQKQGQGQWTYQIYQEPFKNLKTGKYARMRGAHTNDVKQLTEAVQKITTESIVIWGKTPKFKLPIQKE
TWETWWTEYWQATWIPEWEFVNTPPLVKLWYQLEKEPIVGAETFYVDGAANRETKLGKAGYVTNRGRQKVVTLTDTTNQK
TELQAIYLALQDSGLEVNIVTDSQYALGIIQAQPDQSESELVNQIIEQLIKKEKVYLAWVPAHKGIGGNEQVDKLVSAGI
RKVL
;
A
2 'polypeptide(L)'
;PISPIETVPVKLKPGMDGPKVKQWPLTEEKIKALVEICTEMEKEGKISKIGPENPYNTPVFAIKKKDSTKWRKLVDFREL
NKRTQDFWEVQLGIPHPAGLKKNKSVTVLDVGDAYFSVPLDEDFRKYTAFTIPSINNETPGIRYQYNVLPQGWKGSPAIF
QSSMTKILEPFRKQNPDIVIYQYMDDLYVGSDLEIGQHRTKIEELRQHLLRWGLTTPDKKHQKEPPFLWMGYELHPDKWT
VQPIVLPEKDSWTVNDIQKLVGKLNWASQIYPGIKVRQLCKLLRGTKALTEVIPLTEEAELELAENREILKEPVHGVYYD
PSKDLIAEIQKQGQGQWTYQIYQEPFKNLKTGKYARMRGAHTNDVKQLTEAVQKITTESIVIWGKTPKFKLPIQKETWET
WWTEYWQATWIPEWEFVNTPPLVKLWYQLEKEPIVGAETF
;
B
#
loop_
_chem_comp.id
_chem_comp.type
_chem_comp.name
_chem_comp.formula
GWJ non-polymer 2-{4-chloro-2-[(3-chloro-5-cyanophenyl)carbonyl]phenoxy}-N-(2-methyl-4-sulfamoylphenyl)acetamide 'C23 H17 Cl2 N3 O5 S'
PO4 non-polymer 'PHOSPHATE ION' 'O4 P -3'
#
# COMPACT_ATOMS: atom_id res chain seq x y z
N PRO A 1 12.93 2.16 44.43
CA PRO A 1 13.70 1.07 43.78
C PRO A 1 13.52 1.20 42.28
N ILE A 2 14.38 2.00 41.64
CA ILE A 2 14.32 2.23 40.21
C ILE A 2 14.75 1.03 39.33
N SER A 3 15.86 1.11 38.59
CA SER A 3 16.18 -0.03 37.74
C SER A 3 17.57 -0.40 37.22
N PRO A 4 17.93 -1.69 37.35
CA PRO A 4 19.22 -2.23 36.89
C PRO A 4 18.99 -2.61 35.45
N ILE A 5 18.42 -1.67 34.71
CA ILE A 5 18.12 -1.84 33.30
C ILE A 5 19.13 -0.99 32.54
N GLU A 6 19.79 -1.60 31.56
CA GLU A 6 20.79 -0.88 30.80
C GLU A 6 20.15 0.27 30.05
N THR A 7 20.70 1.49 30.17
CA THR A 7 20.15 2.68 29.50
C THR A 7 20.27 2.58 27.99
N VAL A 8 19.52 3.45 27.30
CA VAL A 8 19.46 3.55 25.83
C VAL A 8 20.25 4.81 25.42
N PRO A 9 21.04 4.72 24.33
CA PRO A 9 21.83 5.87 23.85
C PRO A 9 21.03 6.97 23.11
N VAL A 10 20.69 8.02 23.86
CA VAL A 10 19.94 9.14 23.31
C VAL A 10 20.86 10.32 22.98
N LYS A 11 20.72 10.83 21.76
CA LYS A 11 21.50 11.97 21.25
C LYS A 11 20.59 13.10 20.77
N LEU A 12 21.11 14.32 20.73
CA LEU A 12 20.33 15.46 20.28
C LEU A 12 20.28 15.50 18.74
N LYS A 13 19.20 16.01 18.18
CA LYS A 13 19.04 16.11 16.72
C LYS A 13 20.36 16.57 16.07
N PRO A 14 20.45 16.48 14.72
CA PRO A 14 21.68 16.89 14.02
C PRO A 14 22.36 18.20 14.50
N GLY A 15 23.49 18.05 15.20
CA GLY A 15 24.25 19.20 15.68
C GLY A 15 23.62 20.26 16.57
N MET A 16 22.35 20.12 16.97
CA MET A 16 21.70 21.12 17.83
C MET A 16 22.18 21.08 19.27
N ASP A 17 21.57 21.91 20.11
CA ASP A 17 21.98 22.01 21.51
C ASP A 17 20.86 22.03 22.54
N GLY A 18 21.17 21.51 23.73
CA GLY A 18 20.19 21.44 24.81
C GLY A 18 19.43 22.73 25.07
N PRO A 19 18.17 22.65 25.54
CA PRO A 19 17.38 23.86 25.81
C PRO A 19 17.95 24.84 26.83
N LYS A 20 17.61 26.11 26.62
CA LYS A 20 18.08 27.20 27.47
C LYS A 20 16.97 28.22 27.71
N VAL A 21 15.74 27.76 27.90
CA VAL A 21 14.62 28.67 28.14
C VAL A 21 14.60 29.14 29.60
N LYS A 22 14.27 30.42 29.81
CA LYS A 22 14.25 30.99 31.16
C LYS A 22 13.11 30.50 32.07
N GLN A 23 13.43 30.27 33.35
CA GLN A 23 12.43 29.81 34.28
C GLN A 23 11.32 30.82 34.54
N TRP A 24 10.10 30.40 34.24
CA TRP A 24 8.87 31.16 34.43
C TRP A 24 8.80 31.53 35.93
N PRO A 25 8.38 32.77 36.26
CA PRO A 25 8.30 33.14 37.69
C PRO A 25 7.04 32.59 38.39
N LEU A 26 7.19 32.18 39.65
CA LEU A 26 6.05 31.64 40.40
C LEU A 26 5.94 32.22 41.81
N THR A 27 4.80 31.96 42.45
CA THR A 27 4.54 32.45 43.80
C THR A 27 5.27 31.62 44.86
N GLU A 28 5.43 32.16 46.06
CA GLU A 28 6.10 31.48 47.17
C GLU A 28 5.37 30.19 47.51
N GLU A 29 4.05 30.19 47.30
CA GLU A 29 3.23 29.02 47.56
C GLU A 29 3.65 27.93 46.57
N LYS A 30 3.29 28.12 45.30
CA LYS A 30 3.67 27.18 44.26
C LYS A 30 5.12 26.71 44.45
N ILE A 31 6.03 27.66 44.67
CA ILE A 31 7.45 27.36 44.89
C ILE A 31 7.65 26.36 46.00
N LYS A 32 7.05 26.65 47.15
CA LYS A 32 7.19 25.79 48.31
C LYS A 32 6.67 24.38 48.09
N ALA A 33 5.73 24.22 47.16
CA ALA A 33 5.19 22.89 46.83
C ALA A 33 6.21 22.14 45.96
N LEU A 34 6.69 22.82 44.93
CA LEU A 34 7.67 22.26 44.03
C LEU A 34 8.90 21.85 44.81
N VAL A 35 9.32 22.69 45.75
CA VAL A 35 10.49 22.36 46.54
C VAL A 35 10.22 21.02 47.23
N GLU A 36 9.03 20.90 47.80
CA GLU A 36 8.59 19.70 48.50
C GLU A 36 8.77 18.53 47.56
N ILE A 37 7.97 18.52 46.50
CA ILE A 37 8.01 17.45 45.52
C ILE A 37 9.42 17.05 45.10
N CYS A 38 10.19 18.02 44.62
CA CYS A 38 11.53 17.72 44.17
C CYS A 38 12.38 17.13 45.28
N THR A 39 12.08 17.46 46.54
CA THR A 39 12.88 16.92 47.63
C THR A 39 12.62 15.41 47.73
N GLU A 40 11.37 15.02 47.49
CA GLU A 40 10.98 13.61 47.51
C GLU A 40 11.64 12.93 46.30
N MET A 41 11.34 13.43 45.11
CA MET A 41 11.92 12.91 43.86
C MET A 41 13.43 12.94 43.93
N GLU A 42 13.97 13.77 44.81
CA GLU A 42 15.40 13.87 44.93
C GLU A 42 15.87 12.57 45.54
N LYS A 43 15.17 12.13 46.59
CA LYS A 43 15.54 10.91 47.23
C LYS A 43 15.10 9.64 46.52
N GLU A 44 13.87 9.58 46.01
CA GLU A 44 13.49 8.38 45.29
C GLU A 44 14.59 8.10 44.24
N GLY A 45 15.52 9.04 44.08
CA GLY A 45 16.62 8.87 43.13
C GLY A 45 16.28 9.31 41.72
N LYS A 46 15.08 9.84 41.58
CA LYS A 46 14.56 10.27 40.29
C LYS A 46 15.29 11.48 39.71
N ILE A 47 15.56 12.51 40.51
CA ILE A 47 16.29 13.69 40.02
C ILE A 47 17.53 13.95 40.86
N SER A 48 18.44 14.73 40.30
CA SER A 48 19.67 15.08 41.01
C SER A 48 19.92 16.59 40.96
N LYS A 49 20.14 17.12 42.16
CA LYS A 49 20.44 18.52 42.41
C LYS A 49 21.78 18.73 41.74
N ILE A 50 21.84 19.68 40.83
CA ILE A 50 23.07 19.97 40.14
C ILE A 50 23.47 21.40 40.47
N GLY A 51 24.45 21.91 39.74
CA GLY A 51 24.89 23.26 40.00
C GLY A 51 25.07 24.13 38.79
N PRO A 52 26.04 25.07 38.85
CA PRO A 52 26.40 26.04 37.80
C PRO A 52 26.89 25.42 36.48
N GLU A 53 27.40 24.20 36.55
CA GLU A 53 27.88 23.52 35.35
C GLU A 53 26.75 23.01 34.43
N ASN A 54 25.74 23.86 34.22
CA ASN A 54 24.64 23.49 33.35
C ASN A 54 23.95 24.73 32.81
N PRO A 55 24.18 25.02 31.52
CA PRO A 55 23.60 26.17 30.80
C PRO A 55 22.17 25.88 30.34
N TYR A 56 21.77 24.62 30.48
CA TYR A 56 20.48 24.14 30.02
C TYR A 56 19.33 24.30 30.97
N ASN A 57 18.18 24.68 30.42
CA ASN A 57 17.05 24.84 31.31
C ASN A 57 15.66 24.71 30.72
N THR A 58 14.79 24.01 31.45
CA THR A 58 13.42 23.83 31.03
C THR A 58 12.49 24.33 32.14
N PRO A 59 11.45 25.05 31.75
CA PRO A 59 10.46 25.62 32.66
C PRO A 59 9.57 24.67 33.46
N VAL A 60 9.67 24.75 34.77
CA VAL A 60 8.84 23.93 35.66
C VAL A 60 7.53 24.68 36.02
N PHE A 61 6.43 23.95 36.18
CA PHE A 61 5.16 24.57 36.50
C PHE A 61 4.46 23.94 37.71
N ALA A 62 3.52 24.67 38.29
CA ALA A 62 2.81 24.19 39.45
C ALA A 62 1.31 24.22 39.21
N ILE A 63 0.73 23.03 39.09
CA ILE A 63 -0.70 22.86 38.84
C ILE A 63 -1.31 21.98 39.92
N LYS A 64 -2.60 22.17 40.23
CA LYS A 64 -3.25 21.34 41.26
C LYS A 64 -4.37 20.49 40.66
N SER A 68 -6.54 15.07 44.71
CA SER A 68 -6.13 15.44 46.06
C SER A 68 -6.03 16.96 46.22
N THR A 69 -6.24 17.70 45.12
CA THR A 69 -6.14 19.16 45.15
C THR A 69 -4.77 19.57 45.69
N LYS A 70 -3.95 18.56 45.96
CA LYS A 70 -2.59 18.74 46.45
C LYS A 70 -1.76 19.25 45.27
N TRP A 71 -0.74 20.04 45.57
CA TRP A 71 0.13 20.62 44.55
C TRP A 71 1.00 19.58 43.82
N ARG A 72 0.91 19.55 42.50
CA ARG A 72 1.74 18.63 41.71
C ARG A 72 2.65 19.47 40.79
N LYS A 73 3.53 18.84 40.02
CA LYS A 73 4.37 19.64 39.15
C LYS A 73 4.30 19.22 37.69
N LEU A 74 4.76 20.10 36.81
CA LEU A 74 4.75 19.84 35.37
C LEU A 74 5.92 20.54 34.70
N VAL A 75 6.81 19.76 34.09
CA VAL A 75 7.98 20.31 33.39
C VAL A 75 7.61 20.33 31.91
N ASP A 76 7.82 21.48 31.26
CA ASP A 76 7.48 21.63 29.85
C ASP A 76 8.70 21.42 28.99
N PHE A 77 8.83 20.21 28.45
CA PHE A 77 9.97 19.85 27.61
C PHE A 77 9.84 20.20 26.13
N ARG A 78 8.71 20.82 25.78
CA ARG A 78 8.44 21.22 24.41
C ARG A 78 9.73 21.52 23.66
N GLU A 79 10.60 22.32 24.25
CA GLU A 79 11.87 22.64 23.59
C GLU A 79 12.74 21.42 23.44
N LEU A 80 13.29 20.94 24.56
CA LEU A 80 14.15 19.78 24.55
C LEU A 80 13.68 18.69 23.57
N ASN A 81 12.37 18.54 23.43
CA ASN A 81 11.87 17.51 22.54
C ASN A 81 12.19 17.83 21.11
N LYS A 82 11.81 19.02 20.68
CA LYS A 82 12.09 19.43 19.32
C LYS A 82 13.59 19.51 19.03
N ARG A 83 14.41 19.17 20.01
CA ARG A 83 15.86 19.20 19.83
C ARG A 83 16.44 17.81 20.10
N THR A 84 15.58 16.83 20.36
CA THR A 84 16.04 15.48 20.62
C THR A 84 16.02 14.67 19.34
N GLN A 85 16.75 13.57 19.31
CA GLN A 85 16.80 12.74 18.11
C GLN A 85 15.44 12.17 17.88
N ASP A 86 15.28 11.51 16.74
CA ASP A 86 14.01 10.87 16.39
C ASP A 86 14.12 9.40 16.77
N PHE A 87 13.03 8.79 17.23
CA PHE A 87 13.05 7.38 17.63
C PHE A 87 12.18 6.54 16.73
N TRP A 88 12.37 5.22 16.77
CA TRP A 88 11.49 4.43 15.95
C TRP A 88 10.13 4.59 16.59
N GLU A 89 9.20 5.17 15.84
CA GLU A 89 7.82 5.43 16.26
C GLU A 89 7.24 4.26 17.08
N VAL A 90 6.67 4.56 18.24
CA VAL A 90 6.12 3.46 19.03
C VAL A 90 4.78 3.04 18.43
N GLN A 91 4.47 1.75 18.56
CA GLN A 91 3.23 1.13 18.07
C GLN A 91 2.05 2.12 17.95
N LEU A 92 1.61 2.39 16.73
CA LEU A 92 0.50 3.32 16.52
C LEU A 92 -0.81 2.59 16.21
N GLY A 93 -0.71 1.32 15.82
CA GLY A 93 -1.88 0.51 15.52
C GLY A 93 -2.37 -0.23 16.77
N ILE A 94 -3.65 -0.06 17.08
CA ILE A 94 -4.22 -0.68 18.26
C ILE A 94 -5.08 -1.90 17.96
N PRO A 95 -4.90 -2.99 18.73
CA PRO A 95 -5.63 -4.25 18.59
C PRO A 95 -7.13 -4.10 18.51
N HIS A 96 -7.77 -4.89 17.66
CA HIS A 96 -9.22 -4.85 17.57
C HIS A 96 -9.69 -6.10 18.27
N PRO A 97 -10.50 -5.93 19.31
CA PRO A 97 -10.97 -7.14 20.00
C PRO A 97 -11.17 -8.34 19.11
N ALA A 98 -11.83 -8.20 17.97
CA ALA A 98 -12.09 -9.36 17.13
C ALA A 98 -10.86 -10.18 16.80
N GLY A 99 -9.69 -9.63 17.09
CA GLY A 99 -8.47 -10.34 16.78
C GLY A 99 -7.85 -10.98 18.01
N LEU A 100 -8.59 -11.03 19.10
CA LEU A 100 -8.08 -11.63 20.33
C LEU A 100 -8.53 -13.08 20.38
N LYS A 101 -7.58 -13.98 20.62
CA LYS A 101 -7.93 -15.39 20.68
C LYS A 101 -8.51 -15.58 22.06
N LYS A 102 -9.71 -16.15 22.10
CA LYS A 102 -10.37 -16.42 23.36
C LYS A 102 -9.46 -17.24 24.29
N ASN A 103 -9.23 -16.71 25.50
CA ASN A 103 -8.38 -17.34 26.52
C ASN A 103 -9.26 -17.62 27.76
N LYS A 104 -8.87 -18.59 28.58
CA LYS A 104 -9.65 -18.94 29.78
C LYS A 104 -9.56 -17.86 30.83
N SER A 105 -8.41 -17.22 30.87
CA SER A 105 -8.22 -16.16 31.84
C SER A 105 -7.32 -15.08 31.29
N VAL A 106 -7.64 -13.85 31.65
CA VAL A 106 -6.82 -12.75 31.22
C VAL A 106 -6.66 -11.83 32.40
N THR A 107 -5.48 -11.28 32.51
CA THR A 107 -5.17 -10.39 33.60
C THR A 107 -4.71 -9.09 32.96
N VAL A 108 -5.04 -7.93 33.53
CA VAL A 108 -4.49 -6.70 32.96
C VAL A 108 -3.54 -6.14 34.03
N LEU A 109 -2.33 -5.82 33.62
CA LEU A 109 -1.39 -5.25 34.55
C LEU A 109 -0.90 -3.94 34.01
N ASP A 110 -1.33 -2.83 34.62
CA ASP A 110 -0.86 -1.53 34.18
C ASP A 110 0.47 -1.40 34.94
N VAL A 111 1.57 -1.08 34.25
CA VAL A 111 2.87 -1.03 34.92
C VAL A 111 3.13 0.08 35.93
N GLY A 112 2.16 0.96 36.13
CA GLY A 112 2.33 2.01 37.11
C GLY A 112 3.34 3.11 36.86
N ASP A 113 4.22 3.32 37.84
CA ASP A 113 5.24 4.37 37.80
C ASP A 113 6.17 4.14 36.63
N ALA A 114 5.54 3.88 35.48
CA ALA A 114 6.21 3.60 34.24
C ALA A 114 7.51 4.37 34.03
N TYR A 115 7.44 5.48 33.29
CA TYR A 115 8.62 6.27 32.98
C TYR A 115 9.61 6.45 34.13
N PHE A 116 9.29 7.33 35.08
CA PHE A 116 10.15 7.59 36.24
C PHE A 116 10.90 6.34 36.75
N SER A 117 10.41 5.16 36.41
CA SER A 117 10.99 3.91 36.86
C SER A 117 12.20 3.44 36.03
N VAL A 118 12.34 3.99 34.84
CA VAL A 118 13.45 3.63 33.96
C VAL A 118 14.55 4.70 33.81
N PRO A 119 15.81 4.29 33.86
CA PRO A 119 17.07 5.06 33.76
C PRO A 119 17.15 5.94 32.54
N LEU A 120 17.69 7.14 32.71
CA LEU A 120 17.89 8.02 31.56
C LEU A 120 19.34 7.79 31.10
N ASP A 121 19.63 8.00 29.83
CA ASP A 121 21.02 7.87 29.41
C ASP A 121 21.72 8.99 30.18
N GLU A 122 22.60 8.57 31.08
CA GLU A 122 23.37 9.44 31.95
C GLU A 122 24.03 10.59 31.20
N ASP A 123 24.45 10.34 29.95
CA ASP A 123 25.04 11.40 29.14
C ASP A 123 24.00 12.53 29.00
N PHE A 124 22.85 12.13 28.45
CA PHE A 124 21.72 12.99 28.18
C PHE A 124 21.04 13.78 29.31
N ARG A 125 21.19 13.34 30.56
CA ARG A 125 20.53 13.98 31.70
C ARG A 125 20.64 15.47 31.78
N LYS A 126 21.82 15.99 31.47
CA LYS A 126 22.06 17.42 31.55
C LYS A 126 20.99 18.24 30.86
N TYR A 127 20.57 17.81 29.69
CA TYR A 127 19.59 18.53 28.92
C TYR A 127 18.26 18.68 29.62
N THR A 128 18.01 17.81 30.58
CA THR A 128 16.74 17.85 31.30
C THR A 128 16.70 18.76 32.53
N ALA A 129 17.77 19.50 32.77
CA ALA A 129 17.82 20.39 33.93
C ALA A 129 16.80 21.53 33.89
N PHE A 130 16.10 21.72 35.01
CA PHE A 130 15.08 22.78 35.16
C PHE A 130 15.42 23.57 36.43
N THR A 131 14.61 24.56 36.80
CA THR A 131 14.92 25.35 37.99
C THR A 131 13.72 25.82 38.82
N ILE A 132 13.83 25.67 40.14
CA ILE A 132 12.76 26.11 41.05
C ILE A 132 13.01 27.57 41.46
N PRO A 133 12.17 28.50 40.95
CA PRO A 133 12.27 29.93 41.25
C PRO A 133 12.39 30.26 42.72
N SER A 134 12.90 31.45 43.01
CA SER A 134 13.05 31.90 44.38
C SER A 134 11.87 32.83 44.65
N ILE A 135 11.67 33.20 45.92
CA ILE A 135 10.56 34.06 46.28
C ILE A 135 10.46 35.30 45.42
N ASN A 136 9.44 35.31 44.58
CA ASN A 136 9.14 36.41 43.66
C ASN A 136 10.33 37.03 42.92
N ASN A 137 10.88 36.27 41.99
CA ASN A 137 12.01 36.65 41.14
C ASN A 137 13.26 37.36 41.70
N GLU A 138 13.62 37.12 42.95
CA GLU A 138 14.85 37.69 43.45
C GLU A 138 15.78 36.49 43.26
N THR A 139 17.07 36.75 43.10
CA THR A 139 18.10 35.74 42.83
C THR A 139 18.09 34.27 43.38
N PRO A 140 18.96 33.37 42.79
CA PRO A 140 19.24 31.95 42.97
C PRO A 140 18.44 30.92 43.73
N GLY A 141 17.70 30.14 42.94
CA GLY A 141 16.87 29.06 43.45
C GLY A 141 17.43 27.67 43.14
N ILE A 142 16.69 26.65 43.53
CA ILE A 142 17.07 25.25 43.37
C ILE A 142 17.13 24.71 41.93
N ARG A 143 18.22 24.01 41.62
CA ARG A 143 18.43 23.45 40.29
C ARG A 143 18.61 21.91 40.25
N TYR A 144 17.86 21.25 39.36
CA TYR A 144 17.91 19.79 39.21
C TYR A 144 17.88 19.30 37.73
N GLN A 145 18.07 17.99 37.59
CA GLN A 145 18.02 17.31 36.29
C GLN A 145 17.48 15.88 36.48
N TYR A 146 16.96 15.27 35.41
CA TYR A 146 16.38 13.91 35.49
C TYR A 146 17.32 12.70 35.32
N ASN A 147 17.16 11.69 36.18
CA ASN A 147 17.97 10.45 36.14
C ASN A 147 17.20 9.29 35.47
N VAL A 148 15.91 9.55 35.21
CA VAL A 148 14.97 8.59 34.62
C VAL A 148 14.11 9.23 33.53
N LEU A 149 13.52 8.39 32.67
CA LEU A 149 12.63 8.87 31.62
C LEU A 149 11.74 9.97 32.19
N PRO A 150 11.84 11.19 31.68
CA PRO A 150 10.97 12.25 32.24
C PRO A 150 9.55 12.19 31.68
N GLN A 151 8.54 12.41 32.50
CA GLN A 151 7.17 12.40 31.99
C GLN A 151 7.00 13.54 30.96
N GLY A 152 6.66 13.21 29.71
CA GLY A 152 6.48 14.28 28.74
C GLY A 152 7.63 14.52 27.77
N TRP A 153 8.74 13.82 27.99
CA TRP A 153 9.86 13.97 27.09
C TRP A 153 9.58 13.02 25.93
N LYS A 154 10.08 13.39 24.75
CA LYS A 154 9.91 12.67 23.51
C LYS A 154 10.29 11.19 23.45
N GLY A 155 11.42 10.82 24.06
CA GLY A 155 11.81 9.44 23.98
C GLY A 155 11.30 8.49 25.06
N SER A 156 10.65 9.06 26.06
CA SER A 156 10.18 8.23 27.17
C SER A 156 9.38 7.02 26.76
N PRO A 157 8.32 7.21 25.95
CA PRO A 157 7.46 6.11 25.49
C PRO A 157 8.21 5.03 24.72
N ALA A 158 8.96 5.45 23.71
CA ALA A 158 9.69 4.48 22.96
C ALA A 158 10.72 3.76 23.86
N ILE A 159 11.45 4.50 24.70
CA ILE A 159 12.45 3.88 25.59
C ILE A 159 11.79 2.92 26.55
N PHE A 160 10.68 3.36 27.15
CA PHE A 160 9.98 2.51 28.07
C PHE A 160 9.51 1.23 27.38
N GLN A 161 8.81 1.36 26.26
CA GLN A 161 8.31 0.19 25.53
C GLN A 161 9.43 -0.82 25.35
N SER A 162 10.57 -0.36 24.84
CA SER A 162 11.71 -1.22 24.61
C SER A 162 12.10 -1.99 25.88
N SER A 163 12.51 -1.24 26.89
CA SER A 163 12.91 -1.82 28.16
C SER A 163 11.93 -2.93 28.54
N MET A 164 10.63 -2.62 28.44
CA MET A 164 9.64 -3.62 28.78
C MET A 164 9.92 -4.83 27.90
N THR A 165 9.70 -4.70 26.60
CA THR A 165 9.95 -5.79 25.66
C THR A 165 11.15 -6.66 26.00
N LYS A 166 12.24 -6.02 26.43
CA LYS A 166 13.48 -6.70 26.78
C LYS A 166 13.23 -7.57 28.03
N ILE A 167 12.78 -6.92 29.09
CA ILE A 167 12.47 -7.62 30.32
C ILE A 167 11.54 -8.85 30.15
N LEU A 168 10.66 -8.83 29.16
CA LEU A 168 9.76 -9.96 28.93
C LEU A 168 10.32 -11.03 27.98
N GLU A 169 11.37 -10.73 27.19
CA GLU A 169 11.86 -11.74 26.26
C GLU A 169 11.99 -13.13 26.89
N PRO A 170 12.59 -13.20 28.10
CA PRO A 170 12.77 -14.47 28.83
C PRO A 170 11.42 -15.17 29.06
N PHE A 171 10.57 -14.51 29.83
CA PHE A 171 9.26 -15.03 30.15
C PHE A 171 8.56 -15.59 28.90
N ARG A 172 8.38 -14.79 27.86
CA ARG A 172 7.72 -15.29 26.66
C ARG A 172 8.45 -16.53 26.14
N LYS A 173 9.77 -16.58 26.36
CA LYS A 173 10.56 -17.71 25.92
C LYS A 173 10.22 -18.96 26.73
N GLN A 174 10.15 -18.81 28.04
CA GLN A 174 9.84 -19.92 28.95
C GLN A 174 8.36 -20.23 29.11
N ASN A 175 7.49 -19.43 28.51
CA ASN A 175 6.06 -19.69 28.67
C ASN A 175 5.34 -19.54 27.35
N PRO A 176 5.79 -20.30 26.35
CA PRO A 176 5.23 -20.28 24.99
C PRO A 176 3.72 -20.28 24.91
N ASP A 177 3.05 -20.99 25.82
CA ASP A 177 1.62 -21.03 25.73
C ASP A 177 0.89 -19.90 26.50
N ILE A 178 1.67 -18.92 26.94
CA ILE A 178 1.13 -17.77 27.63
C ILE A 178 1.14 -16.61 26.63
N VAL A 179 0.19 -15.71 26.73
CA VAL A 179 0.13 -14.61 25.78
C VAL A 179 0.13 -13.26 26.49
N ILE A 180 1.09 -12.41 26.11
CA ILE A 180 1.21 -11.09 26.72
C ILE A 180 1.14 -9.98 25.70
N TYR A 181 0.00 -9.31 25.63
CA TYR A 181 -0.14 -8.19 24.73
C TYR A 181 0.50 -6.95 25.39
N GLN A 182 1.11 -6.11 24.57
CA GLN A 182 1.75 -4.91 25.08
C GLN A 182 1.06 -3.75 24.47
N TYR A 183 0.70 -2.79 25.31
CA TYR A 183 0.02 -1.61 24.82
C TYR A 183 0.23 -0.47 25.77
N MET A 184 1.00 0.50 25.33
CA MET A 184 1.32 1.65 26.13
C MET A 184 1.98 1.19 27.43
N ASP A 185 1.35 1.37 28.57
CA ASP A 185 2.01 0.91 29.79
C ASP A 185 1.34 -0.33 30.33
N ASP A 186 0.57 -0.98 29.47
CA ASP A 186 -0.17 -2.15 29.88
C ASP A 186 0.25 -3.48 29.28
N LEU A 187 0.02 -4.51 30.08
CA LEU A 187 0.30 -5.88 29.70
C LEU A 187 -1.03 -6.58 29.90
N TYR A 188 -1.58 -7.12 28.83
CA TYR A 188 -2.82 -7.85 28.93
C TYR A 188 -2.30 -9.25 28.85
N VAL A 189 -2.28 -9.95 29.97
CA VAL A 189 -1.74 -11.32 30.06
C VAL A 189 -2.84 -12.36 30.10
N GLY A 190 -2.84 -13.24 29.11
CA GLY A 190 -3.87 -14.26 29.04
C GLY A 190 -3.35 -15.65 28.77
N SER A 191 -4.03 -16.66 29.31
CA SER A 191 -3.58 -18.04 29.12
C SER A 191 -4.73 -19.01 29.17
N ASP A 192 -4.42 -20.28 28.98
CA ASP A 192 -5.45 -21.28 29.02
C ASP A 192 -5.24 -22.22 30.14
N LEU A 193 -4.44 -21.79 31.11
CA LEU A 193 -4.15 -22.58 32.30
C LEU A 193 -5.39 -22.59 33.16
N GLU A 194 -5.26 -23.18 34.33
CA GLU A 194 -6.37 -23.24 35.24
C GLU A 194 -6.37 -22.02 36.13
N ILE A 195 -7.56 -21.61 36.51
CA ILE A 195 -7.71 -20.42 37.32
C ILE A 195 -6.60 -20.27 38.35
N GLY A 196 -6.21 -21.35 38.99
CA GLY A 196 -5.15 -21.26 39.97
C GLY A 196 -3.76 -21.27 39.35
N GLN A 197 -3.56 -22.09 38.31
CA GLN A 197 -2.27 -22.15 37.61
C GLN A 197 -2.06 -20.75 37.08
N HIS A 198 -3.04 -20.24 36.33
CA HIS A 198 -2.96 -18.88 35.79
C HIS A 198 -2.60 -17.90 36.90
N ARG A 199 -3.43 -17.83 37.93
CA ARG A 199 -3.15 -16.94 39.05
C ARG A 199 -1.71 -17.01 39.51
N THR A 200 -1.14 -18.22 39.53
CA THR A 200 0.24 -18.36 39.97
C THR A 200 1.23 -17.80 38.94
N LYS A 201 1.00 -18.14 37.68
CA LYS A 201 1.89 -17.68 36.62
C LYS A 201 1.86 -16.15 36.60
N ILE A 202 0.71 -15.53 36.84
CA ILE A 202 0.70 -14.08 36.84
C ILE A 202 1.62 -13.62 37.96
N GLU A 203 1.39 -14.10 39.16
CA GLU A 203 2.26 -13.70 40.25
C GLU A 203 3.72 -13.94 39.90
N GLU A 204 4.00 -14.93 39.05
CA GLU A 204 5.39 -15.14 38.69
C GLU A 204 5.85 -13.90 37.93
N LEU A 205 5.22 -13.66 36.77
CA LEU A 205 5.50 -12.50 35.94
C LEU A 205 5.72 -11.31 36.85
N ARG A 206 4.65 -10.89 37.51
CA ARG A 206 4.72 -9.74 38.40
C ARG A 206 6.02 -9.72 39.15
N GLN A 207 6.37 -10.86 39.74
CA GLN A 207 7.59 -10.91 40.51
C GLN A 207 8.83 -10.83 39.62
N HIS A 208 8.70 -11.21 38.35
CA HIS A 208 9.83 -11.12 37.42
C HIS A 208 10.08 -9.66 37.16
N LEU A 209 9.01 -8.92 36.90
CA LEU A 209 9.07 -7.50 36.63
C LEU A 209 9.61 -6.75 37.84
N LEU A 210 9.02 -6.95 39.01
CA LEU A 210 9.50 -6.27 40.22
C LEU A 210 10.99 -6.39 40.40
N ARG A 211 11.54 -7.52 39.95
CA ARG A 211 12.97 -7.79 40.05
C ARG A 211 13.74 -7.03 38.97
N TRP A 212 13.08 -6.03 38.40
CA TRP A 212 13.71 -5.21 37.39
C TRP A 212 13.29 -3.77 37.53
N GLY A 213 12.44 -3.49 38.52
CA GLY A 213 12.02 -2.12 38.76
C GLY A 213 10.62 -1.72 38.34
N LEU A 214 9.80 -2.67 37.93
CA LEU A 214 8.45 -2.31 37.52
C LEU A 214 7.40 -2.83 38.49
N THR A 215 6.77 -1.92 39.23
CA THR A 215 5.73 -2.25 40.16
C THR A 215 4.56 -2.56 39.28
N THR A 216 3.68 -3.40 39.79
CA THR A 216 2.48 -3.82 39.03
C THR A 216 1.34 -4.10 40.01
N PRO A 217 0.10 -4.10 39.45
CA PRO A 217 -1.10 -4.37 40.23
C PRO A 217 -1.11 -5.72 40.90
N ASP A 218 -1.91 -5.78 41.95
CA ASP A 218 -2.11 -6.96 42.77
C ASP A 218 -3.62 -7.17 42.57
N LYS A 219 -4.27 -8.17 43.15
CA LYS A 219 -5.72 -8.27 42.97
C LYS A 219 -6.30 -7.03 43.69
N LYS A 220 -5.36 -6.23 44.15
CA LYS A 220 -5.62 -4.95 44.78
C LYS A 220 -5.26 -3.91 43.71
N HIS A 221 -6.30 -3.39 43.07
CA HIS A 221 -6.19 -2.39 42.01
C HIS A 221 -6.33 -3.01 40.63
N GLN A 222 -5.94 -4.27 40.48
CA GLN A 222 -5.97 -4.86 39.14
C GLN A 222 -7.31 -5.19 38.55
N LYS A 223 -7.68 -4.34 37.60
CA LYS A 223 -8.94 -4.37 36.87
C LYS A 223 -9.64 -5.70 36.81
N GLU A 224 -10.96 -5.62 36.86
CA GLU A 224 -11.82 -6.80 36.78
C GLU A 224 -12.74 -6.59 35.58
N PRO A 225 -13.04 -7.67 34.83
CA PRO A 225 -13.91 -7.55 33.66
C PRO A 225 -15.29 -7.14 34.09
N PRO A 226 -16.10 -6.69 33.13
CA PRO A 226 -15.76 -6.55 31.72
C PRO A 226 -14.65 -5.52 31.63
N PHE A 227 -13.80 -5.63 30.61
CA PHE A 227 -12.74 -4.66 30.48
C PHE A 227 -13.14 -3.51 29.60
N LEU A 228 -12.88 -2.32 30.13
CA LEU A 228 -13.20 -1.10 29.41
C LEU A 228 -12.08 -0.87 28.45
N TRP A 229 -12.40 -0.81 27.17
CA TRP A 229 -11.34 -0.62 26.19
C TRP A 229 -11.90 -0.08 24.89
N MET A 230 -11.69 1.21 24.66
CA MET A 230 -12.13 1.87 23.44
C MET A 230 -13.51 1.47 22.88
N GLY A 231 -14.56 2.05 23.46
CA GLY A 231 -15.92 1.79 22.99
C GLY A 231 -16.35 0.35 23.11
N TYR A 232 -15.50 -0.45 23.76
CA TYR A 232 -15.79 -1.85 23.92
C TYR A 232 -15.81 -2.34 25.33
N GLU A 233 -16.58 -3.39 25.51
CA GLU A 233 -16.67 -4.06 26.78
C GLU A 233 -16.18 -5.47 26.52
N LEU A 234 -15.10 -5.84 27.20
CA LEU A 234 -14.54 -7.15 27.04
C LEU A 234 -14.95 -8.18 28.11
N HIS A 235 -15.82 -9.09 27.72
CA HIS A 235 -16.30 -10.13 28.61
C HIS A 235 -15.51 -11.38 28.30
N PRO A 236 -15.58 -12.38 29.19
CA PRO A 236 -14.86 -13.62 29.02
C PRO A 236 -15.15 -14.42 27.75
N ASP A 237 -16.37 -14.31 27.23
CA ASP A 237 -16.71 -15.07 26.04
C ASP A 237 -17.33 -14.26 24.90
N LYS A 238 -17.34 -12.94 25.06
CA LYS A 238 -17.90 -12.07 24.04
C LYS A 238 -17.40 -10.70 24.34
N TRP A 239 -17.52 -9.82 23.35
CA TRP A 239 -17.15 -8.43 23.53
C TRP A 239 -18.48 -7.85 23.19
N THR A 240 -18.68 -6.58 23.52
CA THR A 240 -19.92 -5.89 23.19
C THR A 240 -19.48 -4.48 23.16
N VAL A 241 -20.32 -3.64 22.57
CA VAL A 241 -20.01 -2.22 22.46
C VAL A 241 -20.53 -1.47 23.69
N GLN A 242 -19.73 -0.56 24.23
CA GLN A 242 -20.21 0.15 25.37
C GLN A 242 -21.24 1.15 24.89
N PRO A 243 -22.33 1.28 25.65
CA PRO A 243 -23.46 2.17 25.39
C PRO A 243 -23.04 3.55 24.90
N ILE A 244 -23.64 3.92 23.78
CA ILE A 244 -23.43 5.20 23.14
C ILE A 244 -24.77 5.93 23.33
N VAL A 245 -24.75 6.98 24.14
CA VAL A 245 -25.94 7.77 24.46
C VAL A 245 -26.17 9.09 23.72
N LEU A 246 -27.33 9.21 23.08
CA LEU A 246 -27.70 10.41 22.34
C LEU A 246 -28.55 11.30 23.28
N PRO A 247 -27.94 12.37 23.79
CA PRO A 247 -28.70 13.24 24.69
C PRO A 247 -29.90 13.92 24.06
N GLU A 248 -31.05 13.90 24.74
CA GLU A 248 -32.26 14.56 24.24
C GLU A 248 -32.24 16.03 24.67
N LYS A 249 -32.47 16.93 23.73
CA LYS A 249 -32.46 18.37 24.01
C LYS A 249 -33.53 19.06 23.20
N ASP A 250 -33.70 20.37 23.45
CA ASP A 250 -34.68 21.18 22.74
C ASP A 250 -33.95 22.28 21.99
N SER A 251 -32.64 22.32 22.18
CA SER A 251 -31.78 23.31 21.54
C SER A 251 -30.48 22.64 21.05
N TRP A 252 -30.42 22.40 19.73
CA TRP A 252 -29.26 21.78 19.08
C TRP A 252 -28.41 22.75 18.27
N THR A 253 -27.22 23.06 18.77
CA THR A 253 -26.33 23.95 18.06
C THR A 253 -25.71 23.21 16.85
N VAL A 254 -24.89 23.92 16.09
CA VAL A 254 -24.23 23.32 14.93
C VAL A 254 -23.19 22.38 15.50
N ASN A 255 -22.49 22.84 16.53
CA ASN A 255 -21.51 22.00 17.20
C ASN A 255 -22.23 20.74 17.58
N ASP A 256 -23.35 20.90 18.28
CA ASP A 256 -24.17 19.78 18.77
C ASP A 256 -24.53 18.75 17.70
N ILE A 257 -25.09 19.23 16.60
CA ILE A 257 -25.49 18.34 15.53
C ILE A 257 -24.31 17.68 14.86
N GLN A 258 -23.17 18.34 14.86
CA GLN A 258 -22.01 17.71 14.24
C GLN A 258 -21.52 16.57 15.10
N LYS A 259 -21.22 16.86 16.37
CA LYS A 259 -20.72 15.84 17.30
C LYS A 259 -21.67 14.67 17.25
N LEU A 260 -22.95 14.98 17.07
CA LEU A 260 -23.96 13.95 17.02
C LEU A 260 -23.78 13.09 15.77
N VAL A 261 -23.83 13.74 14.61
CA VAL A 261 -23.66 13.06 13.33
C VAL A 261 -22.44 12.17 13.41
N GLY A 262 -21.40 12.67 14.08
CA GLY A 262 -20.19 11.90 14.24
C GLY A 262 -20.40 10.61 15.00
N LYS A 263 -20.99 10.69 16.19
CA LYS A 263 -21.23 9.48 16.98
C LYS A 263 -22.16 8.54 16.23
N LEU A 264 -23.06 9.09 15.45
CA LEU A 264 -23.92 8.22 14.70
C LEU A 264 -23.13 7.49 13.61
N ASN A 265 -22.27 8.22 12.91
CA ASN A 265 -21.48 7.63 11.84
C ASN A 265 -20.59 6.53 12.40
N TRP A 266 -19.97 6.79 13.55
CA TRP A 266 -19.16 5.73 14.13
C TRP A 266 -20.09 4.55 14.39
N ALA A 267 -21.28 4.81 14.92
CA ALA A 267 -22.20 3.72 15.22
C ALA A 267 -22.55 2.88 14.02
N SER A 268 -22.65 3.51 12.85
CA SER A 268 -22.99 2.81 11.61
C SER A 268 -22.19 1.51 11.41
N GLN A 269 -20.95 1.50 11.90
CA GLN A 269 -20.06 0.34 11.75
C GLN A 269 -20.56 -0.92 12.43
N ILE A 270 -21.09 -0.75 13.63
CA ILE A 270 -21.61 -1.84 14.43
C ILE A 270 -23.10 -2.09 14.26
N TYR A 271 -23.89 -1.05 14.47
CA TYR A 271 -25.34 -1.14 14.38
C TYR A 271 -25.94 -1.08 12.97
N PRO A 272 -26.92 -1.95 12.72
CA PRO A 272 -27.65 -2.09 11.46
C PRO A 272 -28.77 -1.05 11.32
N GLY A 273 -28.67 -0.18 10.33
CA GLY A 273 -29.74 0.79 10.15
C GLY A 273 -29.50 2.23 10.55
N ILE A 274 -28.39 2.55 11.21
CA ILE A 274 -28.17 3.94 11.55
C ILE A 274 -28.24 4.76 10.25
N LYS A 275 -28.74 5.98 10.37
CA LYS A 275 -28.84 6.88 9.22
C LYS A 275 -28.68 8.29 9.74
N VAL A 276 -28.06 9.17 8.94
CA VAL A 276 -27.85 10.55 9.38
C VAL A 276 -28.09 11.57 8.29
N ARG A 277 -28.83 11.17 7.26
CA ARG A 277 -29.14 12.01 6.10
C ARG A 277 -29.86 13.32 6.42
N GLN A 278 -30.94 13.21 7.18
CA GLN A 278 -31.74 14.37 7.56
C GLN A 278 -31.05 15.22 8.61
N LEU A 279 -30.17 14.57 9.35
CA LEU A 279 -29.41 15.25 10.38
C LEU A 279 -28.46 16.17 9.67
N CSD A 280 -27.60 15.57 8.85
CA CSD A 280 -26.59 16.28 8.09
CB CSD A 280 -25.95 15.33 7.07
SG CSD A 280 -24.29 14.64 6.96
C CSD A 280 -27.26 17.43 7.35
O CSD A 280 -26.68 18.51 7.21
OD1 CSD A 280 -23.42 15.81 7.04
OD2 CSD A 280 -24.05 13.66 5.86
N LYS A 281 -28.50 17.19 6.91
CA LYS A 281 -29.26 18.20 6.18
C LYS A 281 -29.35 19.49 6.98
N LEU A 282 -29.35 19.37 8.30
CA LEU A 282 -29.41 20.55 9.15
C LEU A 282 -28.19 21.48 9.01
N LEU A 283 -27.05 20.95 8.57
CA LEU A 283 -25.85 21.75 8.44
C LEU A 283 -25.85 22.79 7.33
N ARG A 284 -26.78 22.65 6.39
CA ARG A 284 -26.86 23.55 5.24
C ARG A 284 -26.94 25.06 5.53
N GLY A 285 -25.90 25.78 5.12
CA GLY A 285 -25.90 27.23 5.30
C GLY A 285 -25.54 27.76 6.68
N THR A 286 -25.24 26.86 7.60
CA THR A 286 -24.88 27.28 8.94
C THR A 286 -23.84 28.38 8.98
N LYS A 287 -24.11 29.39 9.81
CA LYS A 287 -23.25 30.56 10.01
C LYS A 287 -22.33 30.54 11.24
N ALA A 288 -22.46 29.55 12.12
CA ALA A 288 -21.54 29.45 13.28
C ALA A 288 -21.68 28.13 14.05
N LEU A 289 -20.62 27.67 14.69
CA LEU A 289 -20.74 26.42 15.44
C LEU A 289 -21.82 26.58 16.53
N THR A 290 -21.90 27.76 17.13
CA THR A 290 -22.86 28.06 18.19
C THR A 290 -24.27 28.29 17.69
N GLU A 291 -24.44 28.34 16.39
CA GLU A 291 -25.76 28.57 15.82
C GLU A 291 -26.71 27.47 16.24
N VAL A 292 -27.95 27.86 16.48
CA VAL A 292 -28.98 26.93 16.90
C VAL A 292 -29.79 26.66 15.68
N ILE A 293 -29.94 25.39 15.34
CA ILE A 293 -30.72 25.04 14.18
C ILE A 293 -31.82 24.10 14.59
N PRO A 294 -33.07 24.54 14.39
CA PRO A 294 -34.24 23.71 14.73
C PRO A 294 -34.30 22.43 13.90
N LEU A 295 -34.51 21.29 14.57
CA LEU A 295 -34.58 20.02 13.87
C LEU A 295 -35.88 19.92 13.09
N THR A 296 -35.77 19.50 11.85
CA THR A 296 -36.96 19.29 11.01
C THR A 296 -37.69 18.09 11.56
N GLU A 297 -38.87 17.80 11.01
CA GLU A 297 -39.62 16.65 11.49
C GLU A 297 -38.81 15.41 11.15
N GLU A 298 -38.53 15.25 9.86
CA GLU A 298 -37.73 14.14 9.38
C GLU A 298 -36.55 13.92 10.35
N ALA A 299 -35.84 15.01 10.65
CA ALA A 299 -34.70 14.95 11.56
C ALA A 299 -35.12 14.38 12.91
N GLU A 300 -36.14 14.99 13.51
CA GLU A 300 -36.60 14.51 14.81
C GLU A 300 -36.88 13.02 14.79
N LEU A 301 -37.37 12.53 13.64
CA LEU A 301 -37.71 11.12 13.49
C LEU A 301 -36.53 10.19 13.38
N GLU A 302 -35.64 10.41 12.41
CA GLU A 302 -34.50 9.50 12.32
C GLU A 302 -33.74 9.48 13.64
N LEU A 303 -33.55 10.65 14.26
CA LEU A 303 -32.86 10.69 15.53
C LEU A 303 -33.58 9.70 16.46
N ALA A 304 -34.91 9.70 16.43
CA ALA A 304 -35.67 8.76 17.26
C ALA A 304 -35.29 7.32 16.91
N GLU A 305 -35.48 6.96 15.64
CA GLU A 305 -35.19 5.62 15.13
C GLU A 305 -33.78 5.19 15.52
N ASN A 306 -32.85 6.11 15.45
CA ASN A 306 -31.49 5.79 15.84
C ASN A 306 -31.44 5.50 17.32
N ARG A 307 -32.19 6.25 18.12
CA ARG A 307 -32.20 6.02 19.58
C ARG A 307 -32.67 4.60 19.83
N GLU A 308 -33.49 4.06 18.94
CA GLU A 308 -34.02 2.71 19.10
C GLU A 308 -33.12 1.62 18.58
N ILE A 309 -32.40 1.92 17.52
CA ILE A 309 -31.48 0.94 16.96
C ILE A 309 -30.37 0.76 18.00
N LEU A 310 -29.84 1.90 18.45
CA LEU A 310 -28.75 1.97 19.42
C LEU A 310 -28.95 1.24 20.74
N LYS A 311 -30.20 1.02 21.12
CA LYS A 311 -30.47 0.33 22.36
C LYS A 311 -30.57 -1.16 22.12
N GLU A 312 -29.94 -1.64 21.06
CA GLU A 312 -29.94 -3.07 20.76
C GLU A 312 -28.60 -3.68 21.25
N PRO A 313 -28.65 -4.94 21.72
CA PRO A 313 -27.43 -5.59 22.22
C PRO A 313 -26.61 -6.25 21.12
N VAL A 314 -25.76 -5.47 20.45
CA VAL A 314 -24.93 -6.07 19.43
C VAL A 314 -23.76 -6.61 20.23
N HIS A 315 -23.27 -7.78 19.84
CA HIS A 315 -22.14 -8.38 20.54
C HIS A 315 -21.35 -9.19 19.55
N GLY A 316 -20.15 -9.60 19.94
CA GLY A 316 -19.33 -10.41 19.07
C GLY A 316 -18.61 -11.48 19.86
N VAL A 317 -17.80 -12.25 19.14
CA VAL A 317 -17.05 -13.35 19.70
C VAL A 317 -15.57 -13.07 19.49
N TYR A 318 -14.69 -13.92 20.01
CA TYR A 318 -13.27 -13.75 19.84
C TYR A 318 -12.75 -14.78 18.81
N TYR A 319 -11.53 -14.56 18.33
CA TYR A 319 -10.95 -15.44 17.32
C TYR A 319 -10.44 -16.77 17.86
N ASP A 320 -10.85 -17.83 17.17
CA ASP A 320 -10.47 -19.21 17.44
C ASP A 320 -9.65 -19.62 16.21
N PRO A 321 -8.32 -19.70 16.34
CA PRO A 321 -7.47 -20.07 15.19
C PRO A 321 -7.82 -21.34 14.43
N SER A 322 -8.56 -22.25 15.05
CA SER A 322 -8.90 -23.49 14.34
C SER A 322 -10.04 -23.40 13.34
N LYS A 323 -10.87 -22.36 13.41
CA LYS A 323 -11.99 -22.29 12.50
C LYS A 323 -11.78 -21.33 11.32
N ASP A 324 -12.59 -21.52 10.27
CA ASP A 324 -12.51 -20.70 9.07
C ASP A 324 -12.72 -19.21 9.30
N LEU A 325 -12.19 -18.38 8.38
CA LEU A 325 -12.46 -16.95 8.43
C LEU A 325 -13.37 -16.70 7.23
N ILE A 326 -14.50 -16.05 7.48
CA ILE A 326 -15.45 -15.79 6.40
C ILE A 326 -16.02 -14.38 6.44
N ALA A 327 -15.86 -13.64 5.35
CA ALA A 327 -16.38 -12.28 5.23
C ALA A 327 -17.47 -12.26 4.19
N GLU A 328 -18.60 -11.66 4.51
CA GLU A 328 -19.72 -11.58 3.58
C GLU A 328 -20.04 -10.11 3.36
N ILE A 329 -20.29 -9.76 2.11
CA ILE A 329 -20.57 -8.38 1.75
C ILE A 329 -21.97 -8.14 1.21
N GLN A 330 -22.55 -6.98 1.56
CA GLN A 330 -23.87 -6.59 1.02
C GLN A 330 -23.73 -5.20 0.45
N LYS A 331 -24.52 -4.91 -0.59
CA LYS A 331 -24.49 -3.59 -1.20
C LYS A 331 -25.69 -2.80 -0.71
N GLN A 332 -25.45 -1.91 0.23
CA GLN A 332 -26.53 -1.14 0.79
C GLN A 332 -26.59 0.24 0.11
N GLY A 333 -27.15 0.28 -1.08
CA GLY A 333 -27.21 1.55 -1.76
C GLY A 333 -26.00 1.65 -2.64
N GLN A 334 -26.08 2.45 -3.71
CA GLN A 334 -24.97 2.63 -4.65
C GLN A 334 -23.65 3.03 -4.00
N GLY A 335 -22.60 2.24 -4.25
CA GLY A 335 -21.32 2.55 -3.64
C GLY A 335 -21.20 2.39 -2.13
N GLN A 336 -22.27 2.02 -1.44
CA GLN A 336 -22.17 1.79 0.01
C GLN A 336 -22.20 0.29 0.24
N TRP A 337 -21.30 -0.17 1.09
CA TRP A 337 -21.19 -1.59 1.38
C TRP A 337 -21.12 -1.95 2.83
N THR A 338 -21.77 -3.06 3.18
CA THR A 338 -21.71 -3.54 4.54
C THR A 338 -21.06 -4.92 4.50
N TYR A 339 -20.31 -5.24 5.56
CA TYR A 339 -19.66 -6.54 5.67
C TYR A 339 -19.61 -7.01 7.10
N GLN A 340 -19.65 -8.32 7.26
CA GLN A 340 -19.56 -8.95 8.58
C GLN A 340 -18.54 -10.07 8.45
N ILE A 341 -17.61 -10.18 9.39
CA ILE A 341 -16.61 -11.22 9.30
C ILE A 341 -16.74 -12.20 10.48
N TYR A 342 -17.06 -13.46 10.16
CA TYR A 342 -17.26 -14.46 11.20
C TYR A 342 -16.63 -15.81 10.91
N GLN A 343 -16.80 -16.73 11.86
CA GLN A 343 -16.31 -18.08 11.74
C GLN A 343 -17.53 -19.00 11.68
N GLU A 344 -18.36 -18.93 12.72
CA GLU A 344 -19.58 -19.74 12.78
C GLU A 344 -20.73 -18.76 12.52
N PRO A 345 -21.71 -19.11 11.65
CA PRO A 345 -22.84 -18.23 11.34
C PRO A 345 -23.45 -17.37 12.44
N PHE A 346 -23.72 -16.11 12.10
CA PHE A 346 -24.34 -15.16 13.02
C PHE A 346 -23.48 -14.79 14.22
N LYS A 347 -22.44 -15.58 14.48
CA LYS A 347 -21.50 -15.28 15.57
C LYS A 347 -20.37 -14.39 14.98
N ASN A 348 -20.69 -13.11 14.79
CA ASN A 348 -19.79 -12.13 14.18
C ASN A 348 -18.51 -11.77 14.94
N LEU A 349 -17.38 -11.75 14.24
CA LEU A 349 -16.14 -11.37 14.86
C LEU A 349 -16.01 -9.85 14.72
N LYS A 350 -16.50 -9.33 13.61
CA LYS A 350 -16.38 -7.92 13.36
C LYS A 350 -17.33 -7.56 12.24
N THR A 351 -17.74 -6.31 12.21
CA THR A 351 -18.59 -5.87 11.10
C THR A 351 -18.13 -4.49 10.74
N GLY A 352 -18.75 -3.93 9.71
CA GLY A 352 -18.41 -2.58 9.31
C GLY A 352 -19.03 -2.18 7.99
N LYS A 353 -18.94 -0.92 7.63
CA LYS A 353 -19.46 -0.55 6.33
C LYS A 353 -18.48 0.42 5.73
N TYR A 354 -18.58 0.61 4.42
CA TYR A 354 -17.71 1.55 3.73
C TYR A 354 -18.62 2.57 3.10
N ALA A 355 -18.35 3.84 3.40
CA ALA A 355 -19.15 4.94 2.89
C ALA A 355 -19.07 5.06 1.37
N ARG A 356 -20.18 5.49 0.80
CA ARG A 356 -20.30 5.70 -0.63
C ARG A 356 -19.08 6.52 -1.06
N MET A 357 -18.21 5.92 -1.84
CA MET A 357 -17.01 6.62 -2.28
C MET A 357 -17.31 7.42 -3.56
N ARG A 358 -17.87 8.63 -3.42
CA ARG A 358 -18.23 9.48 -4.56
C ARG A 358 -17.07 9.74 -5.53
N GLY A 359 -16.97 8.91 -6.58
CA GLY A 359 -15.88 9.05 -7.55
C GLY A 359 -16.14 9.86 -8.81
N ALA A 360 -15.11 9.99 -9.65
CA ALA A 360 -15.21 10.71 -10.92
C ALA A 360 -15.96 9.84 -11.90
N HIS A 361 -15.87 8.52 -11.68
CA HIS A 361 -16.56 7.48 -12.47
C HIS A 361 -16.07 6.03 -12.25
N THR A 362 -16.93 5.21 -11.67
CA THR A 362 -16.66 3.79 -11.44
C THR A 362 -17.93 3.00 -11.71
N ASN A 363 -17.82 1.71 -11.44
CA ASN A 363 -18.94 0.79 -11.63
C ASN A 363 -18.96 -0.12 -10.39
N ASP A 364 -20.12 -0.69 -10.07
CA ASP A 364 -20.24 -1.57 -8.88
C ASP A 364 -19.21 -2.72 -8.76
N VAL A 365 -18.87 -3.38 -9.87
CA VAL A 365 -17.91 -4.46 -9.77
C VAL A 365 -16.57 -3.88 -9.35
N LYS A 366 -16.26 -2.68 -9.80
CA LYS A 366 -14.99 -2.10 -9.40
C LYS A 366 -15.03 -1.81 -7.91
N GLN A 367 -16.12 -1.17 -7.45
CA GLN A 367 -16.19 -0.87 -6.03
C GLN A 367 -16.27 -2.13 -5.20
N LEU A 368 -16.98 -3.15 -5.66
CA LEU A 368 -17.09 -4.38 -4.88
C LEU A 368 -15.65 -4.78 -4.64
N THR A 369 -14.92 -4.90 -5.75
CA THR A 369 -13.52 -5.26 -5.74
C THR A 369 -12.70 -4.50 -4.69
N GLU A 370 -12.96 -3.21 -4.57
CA GLU A 370 -12.25 -2.38 -3.64
C GLU A 370 -12.65 -2.65 -2.21
N ALA A 371 -13.93 -2.90 -1.94
CA ALA A 371 -14.33 -3.23 -0.58
C ALA A 371 -13.59 -4.53 -0.20
N VAL A 372 -13.40 -5.42 -1.17
CA VAL A 372 -12.73 -6.68 -0.90
C VAL A 372 -11.28 -6.40 -0.56
N GLN A 373 -10.72 -5.43 -1.27
CA GLN A 373 -9.34 -5.12 -1.00
C GLN A 373 -9.23 -4.61 0.43
N LYS A 374 -10.05 -3.63 0.79
CA LYS A 374 -10.01 -3.10 2.13
C LYS A 374 -10.16 -4.21 3.16
N ILE A 375 -11.25 -4.97 3.07
CA ILE A 375 -11.44 -6.05 4.03
C ILE A 375 -10.22 -6.97 4.15
N THR A 376 -9.64 -7.32 3.00
CA THR A 376 -8.47 -8.17 3.02
C THR A 376 -7.34 -7.56 3.86
N THR A 377 -6.99 -6.31 3.60
CA THR A 377 -5.91 -5.68 4.39
C THR A 377 -6.29 -5.65 5.86
N GLU A 378 -7.48 -5.16 6.17
CA GLU A 378 -7.98 -5.14 7.54
C GLU A 378 -7.75 -6.54 8.18
N SER A 379 -8.26 -7.57 7.50
CA SER A 379 -8.15 -8.95 7.99
C SER A 379 -6.69 -9.41 8.22
N ILE A 380 -5.85 -9.16 7.22
CA ILE A 380 -4.46 -9.53 7.30
C ILE A 380 -3.91 -8.96 8.59
N VAL A 381 -4.18 -7.68 8.84
CA VAL A 381 -3.68 -7.03 10.05
C VAL A 381 -4.18 -7.72 11.31
N ILE A 382 -5.49 -7.70 11.48
CA ILE A 382 -6.14 -8.30 12.63
C ILE A 382 -5.82 -9.77 12.87
N TRP A 383 -5.96 -10.62 11.84
CA TRP A 383 -5.75 -12.05 12.00
C TRP A 383 -4.59 -12.72 11.30
N GLY A 384 -3.81 -11.99 10.52
CA GLY A 384 -2.72 -12.64 9.83
C GLY A 384 -3.17 -13.63 8.75
N LYS A 385 -4.45 -13.55 8.38
CA LYS A 385 -5.09 -14.40 7.37
C LYS A 385 -5.99 -13.56 6.48
N THR A 386 -6.51 -14.19 5.45
CA THR A 386 -7.44 -13.50 4.59
C THR A 386 -8.69 -14.36 4.41
N PRO A 387 -9.85 -13.77 4.68
CA PRO A 387 -11.19 -14.33 4.61
C PRO A 387 -11.54 -15.04 3.33
N LYS A 388 -12.40 -16.04 3.46
CA LYS A 388 -12.93 -16.67 2.28
C LYS A 388 -14.17 -15.77 2.08
N PHE A 389 -14.42 -15.32 0.86
CA PHE A 389 -15.53 -14.41 0.63
C PHE A 389 -16.85 -14.97 0.14
N LYS A 390 -17.91 -14.31 0.56
CA LYS A 390 -19.27 -14.61 0.17
C LYS A 390 -19.70 -13.28 -0.41
N LEU A 391 -19.78 -13.24 -1.76
CA LEU A 391 -20.12 -11.99 -2.47
C LEU A 391 -21.37 -12.03 -3.33
N PRO A 392 -22.23 -11.01 -3.22
CA PRO A 392 -23.45 -10.98 -4.02
C PRO A 392 -23.13 -10.73 -5.48
N ILE A 393 -22.28 -11.56 -6.06
CA ILE A 393 -21.99 -11.39 -7.47
C ILE A 393 -21.74 -12.74 -8.10
N GLN A 394 -22.35 -12.92 -9.25
CA GLN A 394 -22.26 -14.13 -10.02
C GLN A 394 -20.90 -14.24 -10.64
N LYS A 395 -20.28 -15.40 -10.50
CA LYS A 395 -18.96 -15.65 -11.05
C LYS A 395 -18.92 -15.32 -12.52
N GLU A 396 -20.07 -15.41 -13.18
CA GLU A 396 -20.16 -15.14 -14.61
C GLU A 396 -19.97 -13.67 -14.88
N THR A 397 -20.62 -12.85 -14.06
CA THR A 397 -20.51 -11.41 -14.23
C THR A 397 -19.07 -10.98 -14.00
N TRP A 398 -18.51 -11.50 -12.91
CA TRP A 398 -17.13 -11.24 -12.50
C TRP A 398 -16.20 -11.55 -13.65
N GLU A 399 -16.16 -12.81 -14.06
CA GLU A 399 -15.32 -13.29 -15.17
C GLU A 399 -15.48 -12.36 -16.35
N THR A 400 -16.73 -12.12 -16.75
CA THR A 400 -17.04 -11.26 -17.88
C THR A 400 -16.49 -9.85 -17.71
N TRP A 401 -16.50 -9.34 -16.48
CA TRP A 401 -15.96 -8.01 -16.27
C TRP A 401 -14.47 -8.10 -16.19
N TRP A 402 -13.94 -8.55 -15.05
CA TRP A 402 -12.50 -8.67 -14.86
C TRP A 402 -11.72 -9.12 -16.09
N THR A 403 -12.14 -10.26 -16.62
CA THR A 403 -11.50 -10.87 -17.77
C THR A 403 -11.26 -9.88 -18.91
N GLU A 404 -12.00 -8.77 -18.89
CA GLU A 404 -11.93 -7.72 -19.93
C GLU A 404 -11.66 -6.27 -19.47
N TYR A 405 -11.20 -6.08 -18.25
CA TYR A 405 -10.95 -4.71 -17.78
C TYR A 405 -9.49 -4.33 -17.91
N TRP A 406 -9.27 -3.16 -18.50
CA TRP A 406 -7.93 -2.66 -18.75
C TRP A 406 -6.97 -2.69 -17.56
N GLN A 407 -7.50 -2.87 -16.37
CA GLN A 407 -6.68 -2.85 -15.17
C GLN A 407 -6.54 -4.17 -14.43
N ALA A 408 -5.39 -4.37 -13.83
CA ALA A 408 -5.18 -5.60 -13.10
C ALA A 408 -6.13 -5.52 -11.93
N THR A 409 -6.90 -6.57 -11.75
CA THR A 409 -7.87 -6.62 -10.65
C THR A 409 -7.86 -8.02 -10.02
N TRP A 410 -8.51 -8.18 -8.88
CA TRP A 410 -8.53 -9.50 -8.26
C TRP A 410 -9.35 -9.64 -6.99
N ILE A 411 -9.93 -10.84 -6.81
CA ILE A 411 -10.69 -11.15 -5.61
C ILE A 411 -10.12 -12.46 -5.10
N PRO A 412 -9.69 -12.52 -3.84
CA PRO A 412 -9.15 -13.78 -3.36
C PRO A 412 -10.26 -14.80 -3.42
N GLU A 413 -9.99 -16.01 -2.95
CA GLU A 413 -10.99 -17.08 -2.97
C GLU A 413 -12.31 -16.58 -2.38
N TRP A 414 -13.37 -16.81 -3.13
CA TRP A 414 -14.71 -16.39 -2.74
C TRP A 414 -15.71 -17.37 -3.37
N GLU A 415 -16.98 -17.20 -3.02
CA GLU A 415 -18.05 -18.04 -3.53
C GLU A 415 -19.28 -17.17 -3.69
N PHE A 416 -20.20 -17.57 -4.55
CA PHE A 416 -21.39 -16.79 -4.76
C PHE A 416 -22.37 -17.00 -3.57
N VAL A 417 -23.25 -16.02 -3.40
CA VAL A 417 -24.26 -16.03 -2.36
C VAL A 417 -25.27 -15.08 -2.96
N ASN A 418 -26.47 -15.58 -3.20
CA ASN A 418 -27.51 -14.79 -3.81
C ASN A 418 -28.28 -13.90 -2.83
N THR A 419 -27.63 -12.95 -2.15
CA THR A 419 -28.40 -12.11 -1.23
C THR A 419 -28.67 -10.71 -1.79
N PRO A 420 -29.70 -10.59 -2.64
CA PRO A 420 -30.12 -9.35 -3.29
C PRO A 420 -30.05 -8.07 -2.42
N PRO A 421 -29.83 -6.92 -3.06
CA PRO A 421 -29.66 -6.85 -4.51
C PRO A 421 -28.30 -7.41 -4.94
N LEU A 422 -28.23 -7.94 -6.14
CA LEU A 422 -26.98 -8.48 -6.64
C LEU A 422 -26.20 -7.41 -7.41
N VAL A 423 -24.86 -7.51 -7.41
CA VAL A 423 -24.06 -6.55 -8.17
C VAL A 423 -23.95 -7.10 -9.57
N LYS A 424 -24.30 -6.26 -10.53
CA LYS A 424 -24.26 -6.68 -11.91
C LYS A 424 -23.66 -5.60 -12.75
N LEU A 425 -23.66 -5.85 -14.05
CA LEU A 425 -23.18 -4.90 -15.02
C LEU A 425 -24.50 -4.34 -15.58
N TRP A 426 -24.67 -3.05 -15.43
CA TRP A 426 -25.87 -2.40 -15.90
C TRP A 426 -26.08 -2.42 -17.42
N TYR A 427 -25.02 -2.68 -18.15
CA TYR A 427 -25.08 -2.73 -19.61
C TYR A 427 -23.73 -3.15 -20.11
N GLN A 428 -23.71 -3.61 -21.35
CA GLN A 428 -22.49 -4.05 -22.00
C GLN A 428 -22.53 -3.49 -23.42
N LEU A 429 -21.53 -2.69 -23.78
CA LEU A 429 -21.47 -2.12 -25.12
C LEU A 429 -21.26 -3.23 -26.11
N GLU A 430 -21.76 -3.09 -27.33
CA GLU A 430 -21.60 -4.17 -28.30
C GLU A 430 -20.17 -4.37 -28.75
N LYS A 431 -19.83 -5.62 -29.02
CA LYS A 431 -18.50 -5.98 -29.46
C LYS A 431 -18.28 -5.60 -30.92
N GLU A 432 -19.36 -5.53 -31.70
CA GLU A 432 -19.29 -5.18 -33.14
C GLU A 432 -20.46 -4.28 -33.53
N PRO A 433 -20.31 -3.50 -34.60
CA PRO A 433 -21.35 -2.57 -35.11
C PRO A 433 -22.69 -3.32 -35.20
N ILE A 434 -23.81 -2.67 -34.97
CA ILE A 434 -25.04 -3.41 -35.04
C ILE A 434 -25.69 -3.29 -36.42
N VAL A 435 -25.81 -4.43 -37.10
CA VAL A 435 -26.38 -4.48 -38.44
C VAL A 435 -27.82 -3.98 -38.47
N GLY A 436 -28.10 -3.06 -39.39
CA GLY A 436 -29.45 -2.50 -39.49
C GLY A 436 -29.67 -1.32 -38.57
N ALA A 437 -29.25 -1.47 -37.31
CA ALA A 437 -29.36 -0.44 -36.25
C ALA A 437 -28.81 0.90 -36.73
N GLU A 438 -29.48 1.99 -36.35
CA GLU A 438 -29.05 3.29 -36.83
C GLU A 438 -27.60 3.69 -36.48
N THR A 439 -27.00 4.55 -37.31
CA THR A 439 -25.62 4.95 -37.08
C THR A 439 -25.42 6.45 -36.92
N PHE A 440 -25.56 6.97 -35.69
CA PHE A 440 -25.37 8.42 -35.49
C PHE A 440 -23.91 8.88 -35.48
N TYR A 441 -23.58 9.89 -36.27
CA TYR A 441 -22.22 10.45 -36.29
C TYR A 441 -22.28 11.72 -35.42
N VAL A 442 -21.93 11.58 -34.15
CA VAL A 442 -22.03 12.67 -33.21
C VAL A 442 -20.94 13.70 -33.07
N ASP A 443 -21.37 14.91 -32.75
CA ASP A 443 -20.41 15.94 -32.50
C ASP A 443 -20.81 17.20 -31.73
N GLY A 444 -19.80 17.68 -31.00
CA GLY A 444 -19.96 18.86 -30.19
C GLY A 444 -18.72 19.74 -30.18
N ALA A 445 -18.99 21.02 -30.17
CA ALA A 445 -17.92 22.00 -30.15
C ALA A 445 -18.45 23.15 -29.35
N ALA A 446 -17.62 23.61 -28.42
CA ALA A 446 -17.97 24.71 -27.56
C ALA A 446 -16.80 25.66 -27.33
N ASN A 447 -17.13 26.95 -27.30
CA ASN A 447 -16.16 27.98 -27.06
C ASN A 447 -15.98 27.90 -25.55
N ARG A 448 -14.88 27.27 -25.18
CA ARG A 448 -14.48 27.05 -23.79
C ARG A 448 -14.45 28.41 -23.08
N GLU A 449 -14.14 29.43 -23.88
CA GLU A 449 -14.08 30.77 -23.37
C GLU A 449 -15.48 31.36 -23.25
N THR A 450 -16.28 31.26 -24.30
CA THR A 450 -17.64 31.80 -24.20
C THR A 450 -18.59 30.90 -23.39
N LYS A 451 -18.30 29.58 -23.37
CA LYS A 451 -19.10 28.50 -22.72
C LYS A 451 -20.44 28.38 -23.44
N LEU A 452 -20.32 28.54 -24.76
CA LEU A 452 -21.42 28.49 -25.69
C LEU A 452 -21.05 27.36 -26.63
N GLY A 453 -22.00 26.50 -26.96
CA GLY A 453 -21.67 25.43 -27.87
C GLY A 453 -22.90 24.79 -28.44
N LYS A 454 -22.65 23.77 -29.26
CA LYS A 454 -23.69 22.98 -29.90
C LYS A 454 -23.19 21.53 -29.92
N ALA A 455 -24.11 20.60 -29.95
CA ALA A 455 -23.69 19.22 -29.97
C ALA A 455 -24.80 18.41 -30.63
N GLY A 456 -24.64 18.20 -31.93
CA GLY A 456 -25.63 17.46 -32.68
C GLY A 456 -25.10 16.23 -33.39
N TYR A 457 -26.03 15.51 -34.00
CA TYR A 457 -25.70 14.29 -34.69
C TYR A 457 -26.42 14.21 -36.01
N VAL A 458 -25.89 13.39 -36.91
CA VAL A 458 -26.51 13.17 -38.21
C VAL A 458 -26.45 11.69 -38.49
N THR A 459 -27.59 11.02 -38.57
CA THR A 459 -27.50 9.59 -38.87
C THR A 459 -27.59 9.25 -40.37
N ASN A 460 -27.15 8.05 -40.70
CA ASN A 460 -27.17 7.54 -42.05
C ASN A 460 -28.60 7.61 -42.54
N ARG A 461 -29.54 7.32 -41.63
CA ARG A 461 -30.98 7.33 -41.91
C ARG A 461 -31.60 8.71 -42.16
N GLY A 462 -30.81 9.78 -42.21
CA GLY A 462 -31.38 11.08 -42.46
C GLY A 462 -31.65 11.93 -41.23
N ARG A 463 -32.23 11.33 -40.18
CA ARG A 463 -32.53 12.04 -38.92
C ARG A 463 -31.38 12.97 -38.55
N GLN A 464 -31.70 14.19 -38.15
CA GLN A 464 -30.65 15.13 -37.77
C GLN A 464 -31.06 15.97 -36.56
N LYS A 465 -30.06 16.66 -35.99
CA LYS A 465 -30.24 17.52 -34.81
C LYS A 465 -28.99 18.30 -34.45
N VAL A 466 -29.23 19.28 -33.61
CA VAL A 466 -28.21 20.11 -33.03
C VAL A 466 -28.92 20.96 -32.00
N VAL A 467 -28.19 21.27 -30.95
CA VAL A 467 -28.69 22.07 -29.87
C VAL A 467 -27.60 23.08 -29.62
N THR A 468 -28.01 24.29 -29.26
CA THR A 468 -27.08 25.35 -28.92
C THR A 468 -27.05 25.38 -27.39
N LEU A 469 -25.86 25.28 -26.82
CA LEU A 469 -25.71 25.20 -25.37
C LEU A 469 -25.00 26.41 -24.77
N THR A 470 -25.57 26.77 -23.61
CA THR A 470 -25.01 27.82 -22.76
C THR A 470 -24.25 27.05 -21.61
N ASP A 471 -23.10 27.56 -21.15
CA ASP A 471 -22.32 26.93 -20.07
C ASP A 471 -21.85 25.52 -20.40
N THR A 472 -20.72 25.38 -21.09
CA THR A 472 -20.18 24.04 -21.44
C THR A 472 -18.67 24.10 -21.85
N THR A 473 -17.79 23.16 -21.42
CA THR A 473 -16.38 23.06 -21.98
C THR A 473 -16.63 21.91 -22.91
N ASN A 474 -16.08 21.99 -24.11
CA ASN A 474 -16.28 20.97 -25.15
C ASN A 474 -16.68 19.57 -24.64
N GLN A 475 -16.13 19.18 -23.48
CA GLN A 475 -16.37 17.85 -22.88
C GLN A 475 -17.83 17.60 -22.53
N LYS A 476 -18.59 18.64 -22.21
CA LYS A 476 -20.02 18.43 -21.93
C LYS A 476 -20.73 18.34 -23.30
N THR A 477 -20.28 19.13 -24.26
CA THR A 477 -20.87 19.09 -25.61
C THR A 477 -20.68 17.67 -26.10
N GLU A 478 -19.42 17.30 -26.31
CA GLU A 478 -19.05 15.93 -26.72
C GLU A 478 -20.03 14.92 -26.10
N LEU A 479 -19.97 14.81 -24.78
CA LEU A 479 -20.84 13.92 -24.04
C LEU A 479 -22.30 14.27 -24.34
N GLN A 480 -22.64 15.56 -24.33
CA GLN A 480 -24.03 15.94 -24.60
C GLN A 480 -24.36 15.43 -26.01
N ALA A 481 -23.41 15.57 -26.95
CA ALA A 481 -23.58 15.08 -28.32
C ALA A 481 -24.17 13.70 -28.18
N ILE A 482 -23.29 12.83 -27.73
CA ILE A 482 -23.54 11.45 -27.47
C ILE A 482 -24.85 11.24 -26.68
N TYR A 483 -25.16 12.17 -25.78
CA TYR A 483 -26.35 12.01 -24.98
C TYR A 483 -27.56 12.08 -25.89
N LEU A 484 -27.53 13.07 -26.78
CA LEU A 484 -28.60 13.26 -27.74
C LEU A 484 -28.83 12.00 -28.53
N ALA A 485 -27.76 11.61 -29.20
CA ALA A 485 -27.74 10.41 -30.02
C ALA A 485 -28.37 9.22 -29.28
N LEU A 486 -28.27 9.22 -27.97
CA LEU A 486 -28.83 8.11 -27.20
C LEU A 486 -30.33 8.23 -26.98
N GLN A 487 -30.78 9.42 -26.57
CA GLN A 487 -32.21 9.61 -26.33
C GLN A 487 -32.98 9.47 -27.64
N ASP A 488 -32.49 10.13 -28.68
CA ASP A 488 -33.11 10.13 -30.00
C ASP A 488 -33.07 8.86 -30.85
N SER A 489 -32.66 7.74 -30.29
CA SER A 489 -32.57 6.52 -31.08
C SER A 489 -33.40 5.40 -30.50
N GLY A 490 -33.34 4.25 -31.16
CA GLY A 490 -34.10 3.09 -30.71
C GLY A 490 -33.34 2.33 -29.65
N LEU A 491 -33.81 1.14 -29.29
CA LEU A 491 -33.13 0.32 -28.29
C LEU A 491 -31.82 -0.31 -28.83
N GLU A 492 -31.47 0.03 -30.08
CA GLU A 492 -30.26 -0.45 -30.77
C GLU A 492 -29.65 0.72 -31.50
N VAL A 493 -28.39 1.05 -31.19
CA VAL A 493 -27.71 2.16 -31.86
C VAL A 493 -26.25 1.92 -32.01
N ASN A 494 -25.66 2.67 -32.95
CA ASN A 494 -24.23 2.67 -33.26
C ASN A 494 -23.93 4.15 -33.24
N ILE A 495 -23.03 4.58 -32.36
CA ILE A 495 -22.65 5.99 -32.24
C ILE A 495 -21.17 6.16 -32.45
N VAL A 496 -20.76 6.96 -33.42
CA VAL A 496 -19.34 7.13 -33.55
C VAL A 496 -19.00 8.55 -33.14
N THR A 497 -17.84 8.70 -32.48
CA THR A 497 -17.42 9.99 -31.96
C THR A 497 -15.93 10.16 -32.04
N ASP A 498 -15.49 11.40 -31.80
CA ASP A 498 -14.06 11.68 -31.77
C ASP A 498 -13.64 11.94 -30.33
N SER A 499 -14.62 11.91 -29.41
CA SER A 499 -14.36 12.13 -27.97
C SER A 499 -13.31 11.20 -27.35
N GLN A 500 -12.21 11.77 -26.89
CA GLN A 500 -11.20 10.93 -26.28
C GLN A 500 -11.78 10.42 -24.96
N TYR A 501 -12.61 11.25 -24.34
CA TYR A 501 -13.28 10.93 -23.09
C TYR A 501 -14.32 9.79 -23.29
N ALA A 502 -15.02 9.77 -24.41
CA ALA A 502 -15.96 8.68 -24.62
C ALA A 502 -15.13 7.38 -24.72
N LEU A 503 -14.05 7.42 -25.47
CA LEU A 503 -13.17 6.27 -25.58
C LEU A 503 -13.07 5.73 -24.14
N GLY A 504 -12.94 6.65 -23.18
CA GLY A 504 -12.86 6.32 -21.76
C GLY A 504 -13.95 5.35 -21.39
N ILE A 505 -15.22 5.80 -21.46
CA ILE A 505 -16.43 4.95 -21.21
C ILE A 505 -16.31 3.54 -21.83
N ILE A 506 -15.88 3.53 -23.09
CA ILE A 506 -15.73 2.30 -23.83
C ILE A 506 -15.02 1.30 -22.97
N GLN A 507 -13.77 1.60 -22.65
CA GLN A 507 -12.88 0.74 -21.86
C GLN A 507 -13.28 0.46 -20.40
N ALA A 508 -14.19 1.29 -19.86
CA ALA A 508 -14.64 1.17 -18.47
C ALA A 508 -16.14 1.14 -18.22
N GLN A 509 -16.94 1.24 -19.26
CA GLN A 509 -18.39 1.20 -19.11
C GLN A 509 -18.83 1.52 -17.67
N PRO A 510 -18.70 2.79 -17.24
CA PRO A 510 -19.09 3.19 -15.88
C PRO A 510 -20.59 3.19 -15.67
N ASP A 511 -21.03 2.97 -14.44
CA ASP A 511 -22.45 2.97 -14.10
C ASP A 511 -22.74 3.90 -12.93
N GLN A 512 -21.89 4.91 -12.79
CA GLN A 512 -22.02 5.95 -11.78
C GLN A 512 -20.87 6.95 -11.94
N SER A 513 -21.20 8.24 -11.87
CA SER A 513 -20.21 9.28 -12.05
C SER A 513 -20.47 10.52 -11.21
N GLU A 514 -19.48 11.41 -11.21
CA GLU A 514 -19.49 12.68 -10.51
C GLU A 514 -20.43 13.66 -11.23
N SER A 515 -20.33 13.69 -12.57
CA SER A 515 -21.12 14.59 -13.42
C SER A 515 -22.49 14.07 -13.74
N GLU A 516 -23.46 14.97 -13.71
CA GLU A 516 -24.83 14.62 -14.00
C GLU A 516 -24.83 14.04 -15.39
N LEU A 517 -24.19 14.76 -16.30
CA LEU A 517 -24.10 14.32 -17.69
C LEU A 517 -23.83 12.85 -17.87
N VAL A 518 -22.65 12.43 -17.41
CA VAL A 518 -22.26 11.05 -17.50
C VAL A 518 -23.42 10.24 -16.93
N ASN A 519 -24.00 10.72 -15.84
CA ASN A 519 -25.15 10.01 -15.27
C ASN A 519 -26.27 9.91 -16.26
N GLN A 520 -26.63 11.05 -16.85
CA GLN A 520 -27.70 11.03 -17.82
C GLN A 520 -27.43 10.00 -18.91
N ILE A 521 -26.22 10.06 -19.48
CA ILE A 521 -25.79 9.15 -20.53
C ILE A 521 -25.89 7.72 -20.02
N ILE A 522 -25.32 7.49 -18.84
CA ILE A 522 -25.39 6.18 -18.24
C ILE A 522 -26.83 5.72 -18.21
N GLU A 523 -27.71 6.50 -17.60
CA GLU A 523 -29.12 6.11 -17.55
C GLU A 523 -29.54 5.62 -18.91
N GLN A 524 -29.28 6.45 -19.91
CA GLN A 524 -29.58 6.13 -21.31
C GLN A 524 -28.95 4.81 -21.81
N LEU A 525 -27.65 4.67 -21.59
CA LEU A 525 -27.01 3.46 -22.03
C LEU A 525 -27.80 2.23 -21.55
N ILE A 526 -28.13 2.20 -20.26
CA ILE A 526 -28.87 1.08 -19.64
C ILE A 526 -30.22 0.77 -20.28
N LYS A 527 -30.89 1.80 -20.80
CA LYS A 527 -32.16 1.60 -21.46
C LYS A 527 -32.06 0.87 -22.80
N LYS A 528 -31.05 1.17 -23.61
CA LYS A 528 -30.91 0.47 -24.89
C LYS A 528 -30.74 -1.04 -24.70
N GLU A 529 -31.08 -1.80 -25.74
CA GLU A 529 -30.94 -3.26 -25.71
C GLU A 529 -29.56 -3.56 -26.28
N LYS A 530 -29.09 -2.68 -27.16
CA LYS A 530 -27.79 -2.81 -27.79
C LYS A 530 -27.22 -1.45 -28.13
N VAL A 531 -25.93 -1.24 -27.85
CA VAL A 531 -25.25 0.01 -28.18
C VAL A 531 -23.85 -0.35 -28.61
N TYR A 532 -23.40 0.27 -29.69
CA TYR A 532 -22.04 0.01 -30.13
C TYR A 532 -21.38 1.36 -30.27
N LEU A 533 -20.46 1.63 -29.35
CA LEU A 533 -19.74 2.89 -29.33
C LEU A 533 -18.45 2.75 -30.06
N ALA A 534 -18.19 3.68 -30.96
CA ALA A 534 -16.96 3.62 -31.71
C ALA A 534 -16.29 4.97 -31.81
N TRP A 535 -14.96 4.95 -31.74
CA TRP A 535 -14.18 6.16 -31.81
C TRP A 535 -13.37 6.26 -33.11
N VAL A 536 -13.29 7.45 -33.69
CA VAL A 536 -12.48 7.68 -34.90
C VAL A 536 -11.66 8.95 -34.64
N PRO A 537 -10.43 9.02 -35.15
CA PRO A 537 -9.65 10.23 -34.90
C PRO A 537 -10.31 11.55 -35.29
N ALA A 538 -10.09 12.57 -34.44
CA ALA A 538 -10.66 13.89 -34.63
C ALA A 538 -9.97 14.75 -35.71
N HIS A 539 -10.84 15.33 -36.51
CA HIS A 539 -10.60 16.17 -37.68
C HIS A 539 -11.46 15.25 -38.52
N THR B 7 36.58 -4.12 7.25
CA THR B 7 35.39 -3.45 6.64
C THR B 7 35.74 -2.12 5.97
N VAL B 8 35.13 -1.87 4.82
CA VAL B 8 35.35 -0.65 4.06
C VAL B 8 34.27 0.38 4.42
N PRO B 9 34.67 1.60 4.79
CA PRO B 9 33.73 2.66 5.16
C PRO B 9 32.75 3.01 4.03
N VAL B 10 31.46 2.87 4.31
CA VAL B 10 30.46 3.19 3.30
C VAL B 10 29.68 4.36 3.86
N LYS B 11 29.04 5.12 2.98
CA LYS B 11 28.26 6.26 3.45
C LYS B 11 27.08 6.53 2.55
N LEU B 12 26.16 7.36 3.05
CA LEU B 12 24.97 7.76 2.29
C LEU B 12 25.40 8.92 1.38
N LYS B 13 24.75 9.06 0.23
CA LYS B 13 25.07 10.16 -0.67
C LYS B 13 24.81 11.49 0.05
N PRO B 14 25.71 12.47 -0.11
CA PRO B 14 25.65 13.80 0.49
C PRO B 14 24.28 14.33 0.89
N GLY B 15 24.13 14.60 2.19
CA GLY B 15 22.87 15.14 2.70
C GLY B 15 21.65 14.23 2.73
N MET B 16 21.78 12.99 2.26
CA MET B 16 20.67 12.03 2.25
C MET B 16 20.66 11.29 3.58
N ASP B 17 19.50 11.21 4.23
CA ASP B 17 19.41 10.52 5.52
C ASP B 17 18.91 9.08 5.30
N GLY B 18 18.83 8.28 6.37
CA GLY B 18 18.40 6.89 6.21
C GLY B 18 16.95 6.58 5.92
N PRO B 19 16.67 5.42 5.31
CA PRO B 19 15.30 5.02 5.00
C PRO B 19 14.42 4.85 6.21
N LYS B 20 13.19 5.32 6.11
CA LYS B 20 12.25 5.19 7.19
C LYS B 20 10.93 4.73 6.62
N VAL B 21 10.99 3.72 5.78
CA VAL B 21 9.82 3.15 5.14
C VAL B 21 9.02 2.25 6.08
N LYS B 22 7.69 2.28 5.97
CA LYS B 22 6.93 1.46 6.89
C LYS B 22 6.70 0.04 6.45
N GLN B 23 6.71 -0.85 7.44
CA GLN B 23 6.51 -2.28 7.21
C GLN B 23 5.09 -2.54 6.81
N TRP B 24 4.90 -3.23 5.69
CA TRP B 24 3.54 -3.55 5.32
C TRP B 24 3.18 -4.77 6.13
N PRO B 25 1.91 -4.90 6.54
CA PRO B 25 1.45 -6.04 7.34
C PRO B 25 1.65 -7.39 6.63
N LEU B 26 2.03 -8.39 7.38
CA LEU B 26 2.25 -9.69 6.77
C LEU B 26 1.33 -10.72 7.36
N THR B 27 1.30 -11.88 6.72
CA THR B 27 0.50 -13.03 7.09
C THR B 27 1.10 -13.71 8.33
N GLU B 28 0.27 -14.48 9.05
CA GLU B 28 0.80 -15.21 10.20
C GLU B 28 1.84 -16.18 9.60
N GLU B 29 1.43 -16.88 8.54
CA GLU B 29 2.31 -17.82 7.87
C GLU B 29 3.69 -17.19 7.67
N LYS B 30 3.71 -15.97 7.10
CA LYS B 30 4.98 -15.29 6.82
C LYS B 30 5.72 -14.76 8.03
N ILE B 31 5.01 -14.31 9.05
CA ILE B 31 5.72 -13.82 10.21
C ILE B 31 6.50 -14.91 10.97
N LYS B 32 5.92 -16.11 11.08
CA LYS B 32 6.54 -17.22 11.78
C LYS B 32 7.83 -17.61 11.06
N ALA B 33 7.78 -17.52 9.73
CA ALA B 33 8.96 -17.84 8.95
C ALA B 33 10.08 -16.80 9.18
N LEU B 34 9.75 -15.51 9.17
CA LEU B 34 10.77 -14.45 9.35
C LEU B 34 11.36 -14.52 10.74
N VAL B 35 10.49 -14.86 11.68
CA VAL B 35 10.89 -15.02 13.07
C VAL B 35 11.92 -16.16 13.16
N GLU B 36 11.67 -17.29 12.49
CA GLU B 36 12.59 -18.42 12.49
C GLU B 36 13.89 -18.02 11.83
N ILE B 37 13.80 -17.56 10.59
CA ILE B 37 14.96 -17.17 9.85
C ILE B 37 15.74 -16.15 10.66
N CYS B 38 15.04 -15.18 11.26
CA CYS B 38 15.75 -14.17 12.03
C CYS B 38 16.34 -14.70 13.35
N THR B 39 15.67 -15.59 14.10
CA THR B 39 16.34 -16.11 15.31
C THR B 39 17.65 -16.83 14.91
N GLU B 40 17.66 -17.51 13.76
CA GLU B 40 18.85 -18.20 13.26
C GLU B 40 19.94 -17.18 13.04
N MET B 41 19.73 -16.38 12.01
CA MET B 41 20.70 -15.37 11.66
C MET B 41 21.16 -14.60 12.88
N GLU B 42 20.27 -14.43 13.85
CA GLU B 42 20.63 -13.68 15.05
C GLU B 42 21.80 -14.41 15.71
N LYS B 43 21.57 -15.68 15.99
CA LYS B 43 22.54 -16.54 16.63
C LYS B 43 23.87 -16.53 15.91
N GLU B 44 23.84 -16.71 14.60
CA GLU B 44 25.06 -16.76 13.81
C GLU B 44 25.78 -15.43 13.75
N GLY B 45 25.24 -14.42 14.43
CA GLY B 45 25.86 -13.08 14.44
C GLY B 45 25.72 -12.24 13.17
N LYS B 46 24.81 -12.62 12.26
CA LYS B 46 24.61 -11.87 11.03
C LYS B 46 23.75 -10.63 11.28
N ILE B 47 22.88 -10.72 12.27
CA ILE B 47 22.01 -9.62 12.67
C ILE B 47 21.85 -9.56 14.18
N SER B 48 21.56 -8.36 14.68
CA SER B 48 21.39 -8.10 16.11
C SER B 48 20.16 -7.25 16.40
N LYS B 49 19.44 -7.59 17.47
CA LYS B 49 18.25 -6.84 17.81
C LYS B 49 18.71 -5.44 18.07
N ILE B 50 17.83 -4.47 17.87
CA ILE B 50 18.19 -3.06 18.10
C ILE B 50 17.20 -2.27 18.97
N GLY B 51 17.70 -1.15 19.47
CA GLY B 51 16.90 -0.29 20.31
C GLY B 51 16.05 0.76 19.61
N PRO B 52 15.39 1.59 20.42
CA PRO B 52 14.57 2.63 19.84
C PRO B 52 15.35 3.82 19.36
N GLU B 53 16.62 3.94 19.78
CA GLU B 53 17.46 5.05 19.33
C GLU B 53 17.70 4.96 17.84
N ASN B 54 17.46 3.77 17.27
CA ASN B 54 17.56 3.61 15.82
C ASN B 54 16.16 3.85 15.21
N PRO B 55 15.94 5.02 14.57
CA PRO B 55 14.65 5.38 13.96
C PRO B 55 14.53 5.01 12.45
N TYR B 56 15.50 4.25 11.92
CA TYR B 56 15.45 3.85 10.52
C TYR B 56 14.66 2.59 10.30
N ASN B 57 14.39 2.27 9.03
CA ASN B 57 13.65 1.07 8.76
C ASN B 57 13.40 0.80 7.29
N THR B 58 13.43 -0.48 6.95
CA THR B 58 13.25 -0.98 5.57
C THR B 58 12.19 -2.09 5.59
N PRO B 59 11.48 -2.28 4.49
CA PRO B 59 10.49 -3.35 4.57
C PRO B 59 11.09 -4.73 4.44
N VAL B 60 10.43 -5.72 5.03
CA VAL B 60 10.90 -7.09 4.89
C VAL B 60 9.75 -7.99 4.60
N PHE B 61 10.01 -9.01 3.79
CA PHE B 61 8.99 -10.02 3.58
C PHE B 61 9.60 -11.36 3.34
N ALA B 62 8.75 -12.36 3.10
CA ALA B 62 9.17 -13.73 2.88
C ALA B 62 8.61 -14.19 1.56
N ILE B 63 9.47 -14.83 0.77
CA ILE B 63 9.09 -15.35 -0.55
C ILE B 63 9.42 -16.83 -0.56
N LYS B 64 8.99 -17.54 -1.60
CA LYS B 64 9.27 -18.98 -1.69
C LYS B 64 10.44 -19.33 -2.60
N SER B 68 10.98 -25.92 -2.86
CA SER B 68 11.01 -26.28 -1.44
C SER B 68 9.81 -25.67 -0.71
N THR B 69 9.74 -25.97 0.58
CA THR B 69 8.72 -25.45 1.48
C THR B 69 9.45 -24.33 2.19
N LYS B 70 10.77 -24.36 2.03
CA LYS B 70 11.66 -23.39 2.62
C LYS B 70 11.30 -21.97 2.22
N TRP B 71 11.21 -21.09 3.21
CA TRP B 71 10.90 -19.70 2.93
C TRP B 71 12.18 -18.90 2.93
N ARG B 72 12.26 -17.89 2.09
CA ARG B 72 13.43 -17.03 2.01
C ARG B 72 13.09 -15.61 2.56
N LYS B 73 14.09 -14.90 3.07
CA LYS B 73 13.85 -13.55 3.56
C LYS B 73 14.14 -12.67 2.40
N LEU B 74 13.31 -11.67 2.21
CA LEU B 74 13.52 -10.73 1.12
C LEU B 74 13.37 -9.30 1.66
N VAL B 75 14.48 -8.58 1.76
CA VAL B 75 14.43 -7.21 2.24
C VAL B 75 14.37 -6.27 1.03
N ASP B 76 13.64 -5.17 1.17
CA ASP B 76 13.54 -4.22 0.08
C ASP B 76 14.36 -2.96 0.36
N PHE B 77 15.62 -2.96 -0.04
CA PHE B 77 16.48 -1.79 0.18
C PHE B 77 16.40 -0.78 -0.95
N ARG B 78 15.29 -0.76 -1.68
CA ARG B 78 15.16 0.19 -2.76
C ARG B 78 15.47 1.57 -2.30
N GLU B 79 14.95 1.98 -1.14
CA GLU B 79 15.24 3.33 -0.65
C GLU B 79 16.69 3.49 -0.24
N LEU B 80 17.19 2.56 0.57
CA LEU B 80 18.57 2.60 1.02
C LEU B 80 19.51 2.49 -0.19
N ASN B 81 19.08 1.80 -1.23
CA ASN B 81 19.93 1.71 -2.39
C ASN B 81 20.08 3.09 -2.99
N LYS B 82 18.96 3.77 -3.16
CA LYS B 82 18.97 5.10 -3.74
C LYS B 82 19.80 6.02 -2.85
N ARG B 83 19.62 5.92 -1.54
CA ARG B 83 20.38 6.77 -0.61
C ARG B 83 21.85 6.39 -0.43
N THR B 84 22.23 5.24 -0.97
CA THR B 84 23.60 4.74 -0.85
C THR B 84 24.61 5.32 -1.88
N GLN B 85 25.73 5.83 -1.36
CA GLN B 85 26.78 6.41 -2.20
C GLN B 85 27.03 5.49 -3.36
N ASP B 86 27.69 5.98 -4.41
CA ASP B 86 27.96 5.10 -5.52
C ASP B 86 29.34 4.49 -5.31
N PHE B 87 29.88 3.78 -6.31
CA PHE B 87 31.20 3.15 -6.19
C PHE B 87 32.04 3.21 -7.46
N TRP B 88 31.92 4.34 -8.15
CA TRP B 88 32.61 4.62 -9.40
C TRP B 88 33.86 5.46 -9.12
N GLY B 93 30.41 -1.73 -9.76
CA GLY B 93 29.92 -2.81 -10.59
C GLY B 93 30.80 -3.03 -11.82
N ILE B 94 30.51 -4.11 -12.56
CA ILE B 94 31.26 -4.47 -13.77
C ILE B 94 30.50 -4.05 -15.03
N PRO B 95 31.24 -3.66 -16.08
CA PRO B 95 30.66 -3.24 -17.36
C PRO B 95 29.84 -4.33 -18.03
N HIS B 96 28.69 -3.94 -18.57
CA HIS B 96 27.82 -4.91 -19.21
C HIS B 96 28.52 -5.51 -20.43
N PRO B 97 28.47 -6.85 -20.55
CA PRO B 97 29.08 -7.61 -21.64
C PRO B 97 28.08 -7.77 -22.79
N ALA B 98 28.20 -6.91 -23.79
CA ALA B 98 27.30 -6.90 -24.95
C ALA B 98 26.91 -8.27 -25.51
N GLY B 99 27.85 -9.22 -25.49
CA GLY B 99 27.57 -10.53 -26.04
C GLY B 99 26.61 -11.38 -25.24
N LEU B 100 26.48 -11.09 -23.95
CA LEU B 100 25.59 -11.88 -23.12
C LEU B 100 24.28 -12.06 -23.87
N LYS B 101 23.79 -10.97 -24.47
CA LYS B 101 22.52 -11.02 -25.20
C LYS B 101 22.50 -11.97 -26.36
N LYS B 102 23.67 -12.25 -26.93
CA LYS B 102 23.79 -13.14 -28.08
C LYS B 102 24.08 -14.59 -27.77
N ASN B 103 23.98 -14.98 -26.51
CA ASN B 103 24.24 -16.38 -26.18
C ASN B 103 23.03 -17.24 -26.48
N LYS B 104 23.25 -18.54 -26.58
CA LYS B 104 22.16 -19.47 -26.87
C LYS B 104 21.40 -19.81 -25.60
N SER B 105 22.07 -19.64 -24.46
CA SER B 105 21.46 -19.95 -23.18
C SER B 105 22.18 -19.30 -21.98
N VAL B 106 21.40 -18.64 -21.12
CA VAL B 106 21.96 -18.01 -19.93
C VAL B 106 21.25 -18.51 -18.68
N THR B 107 22.04 -18.77 -17.64
CA THR B 107 21.48 -19.27 -16.38
C THR B 107 21.69 -18.26 -15.24
N VAL B 108 20.71 -18.17 -14.35
CA VAL B 108 20.86 -17.25 -13.24
C VAL B 108 21.08 -18.03 -11.96
N LEU B 109 22.04 -17.61 -11.17
CA LEU B 109 22.34 -18.29 -9.92
C LEU B 109 22.36 -17.24 -8.84
N ASP B 110 21.88 -17.63 -7.67
CA ASP B 110 21.78 -16.76 -6.53
C ASP B 110 23.04 -16.73 -5.66
N VAL B 111 23.87 -15.69 -5.80
CA VAL B 111 25.08 -15.60 -4.96
C VAL B 111 24.94 -14.57 -3.82
N GLY B 112 23.75 -14.50 -3.25
CA GLY B 112 23.56 -13.56 -2.18
C GLY B 112 24.15 -14.15 -0.92
N ASP B 113 24.17 -15.47 -0.87
CA ASP B 113 24.70 -16.12 0.31
C ASP B 113 26.15 -15.76 0.49
N ALA B 114 26.80 -15.31 -0.57
CA ALA B 114 28.20 -14.95 -0.48
C ALA B 114 28.55 -13.79 0.47
N TYR B 115 27.62 -12.86 0.63
CA TYR B 115 27.84 -11.68 1.48
C TYR B 115 27.92 -11.90 2.97
N PHE B 116 27.08 -12.80 3.50
CA PHE B 116 27.00 -13.08 4.94
C PHE B 116 28.38 -13.19 5.56
N SER B 117 29.34 -13.45 4.69
CA SER B 117 30.72 -13.59 5.08
C SER B 117 31.24 -12.23 5.54
N VAL B 118 31.30 -11.28 4.62
CA VAL B 118 31.82 -9.96 4.92
C VAL B 118 31.04 -9.12 5.93
N PRO B 119 31.74 -8.50 6.87
CA PRO B 119 31.15 -7.65 7.90
C PRO B 119 30.73 -6.34 7.26
N LEU B 120 29.83 -5.62 7.94
CA LEU B 120 29.33 -4.34 7.46
C LEU B 120 29.90 -3.19 8.30
N ASP B 121 30.54 -2.23 7.67
CA ASP B 121 31.07 -1.09 8.41
C ASP B 121 30.08 -0.80 9.56
N GLU B 122 30.53 -0.99 10.79
CA GLU B 122 29.73 -0.77 11.99
C GLU B 122 28.94 0.53 12.02
N ASP B 123 29.41 1.53 11.29
CA ASP B 123 28.77 2.84 11.27
C ASP B 123 27.57 2.92 10.36
N PHE B 124 27.48 2.00 9.40
CA PHE B 124 26.39 1.95 8.44
C PHE B 124 25.23 1.08 8.89
N ARG B 125 25.54 0.09 9.72
CA ARG B 125 24.52 -0.82 10.19
C ARG B 125 23.15 -0.21 10.47
N LYS B 126 23.07 0.75 11.39
CA LYS B 126 21.79 1.39 11.73
C LYS B 126 20.79 1.50 10.60
N TYR B 127 21.31 1.90 9.44
CA TYR B 127 20.46 2.09 8.28
C TYR B 127 19.79 0.82 7.78
N THR B 128 20.35 -0.34 8.11
CA THR B 128 19.76 -1.58 7.65
C THR B 128 18.64 -2.07 8.58
N ALA B 129 18.34 -1.31 9.62
CA ALA B 129 17.28 -1.73 10.52
C ALA B 129 16.04 -2.17 9.75
N PHE B 130 15.37 -3.19 10.27
CA PHE B 130 14.11 -3.67 9.69
C PHE B 130 13.19 -4.24 10.80
N THR B 131 11.91 -4.43 10.50
CA THR B 131 10.96 -4.86 11.52
C THR B 131 10.04 -6.06 11.17
N ILE B 132 9.87 -6.98 12.10
CA ILE B 132 8.97 -8.09 11.85
C ILE B 132 7.73 -7.71 12.65
N PRO B 133 6.62 -7.44 11.95
CA PRO B 133 5.31 -7.05 12.52
C PRO B 133 4.63 -8.20 13.29
N SER B 134 3.52 -7.91 13.98
CA SER B 134 2.77 -8.91 14.75
C SER B 134 1.27 -8.88 14.52
N ILE B 135 0.66 -10.04 14.40
CA ILE B 135 -0.75 -10.00 14.16
C ILE B 135 -1.45 -9.21 15.25
N ASN B 136 -2.38 -8.39 14.82
CA ASN B 136 -3.21 -7.55 15.67
C ASN B 136 -2.49 -6.57 16.57
N ASN B 137 -1.29 -6.19 16.18
CA ASN B 137 -0.58 -5.21 16.99
C ASN B 137 -0.53 -5.65 18.44
N GLU B 138 -0.63 -6.95 18.68
CA GLU B 138 -0.61 -7.46 20.05
C GLU B 138 0.79 -7.31 20.61
N THR B 139 1.66 -6.67 19.84
CA THR B 139 3.04 -6.51 20.30
C THR B 139 3.85 -5.61 19.39
N PRO B 140 4.93 -5.02 19.92
CA PRO B 140 5.71 -4.18 19.01
C PRO B 140 6.42 -5.13 18.00
N GLY B 141 7.05 -4.58 16.98
CA GLY B 141 7.72 -5.46 16.04
C GLY B 141 9.00 -5.98 16.66
N ILE B 142 9.68 -6.85 15.93
CA ILE B 142 10.95 -7.36 16.41
C ILE B 142 11.96 -6.60 15.55
N ARG B 143 12.81 -5.79 16.17
CA ARG B 143 13.76 -5.00 15.39
C ARG B 143 15.19 -5.53 15.33
N TYR B 144 15.74 -5.47 14.13
CA TYR B 144 17.09 -5.94 13.91
C TYR B 144 17.80 -4.96 12.97
N GLN B 145 19.10 -5.14 12.83
CA GLN B 145 19.90 -4.37 11.87
C GLN B 145 21.02 -5.29 11.48
N TYR B 146 21.39 -5.28 10.20
CA TYR B 146 22.47 -6.15 9.76
C TYR B 146 23.86 -5.87 10.36
N ASN B 147 24.60 -6.95 10.60
CA ASN B 147 25.97 -6.88 11.14
C ASN B 147 26.94 -7.24 10.01
N VAL B 148 26.38 -7.82 8.95
CA VAL B 148 27.12 -8.23 7.77
C VAL B 148 26.49 -7.64 6.50
N LEU B 149 27.09 -7.91 5.34
CA LEU B 149 26.54 -7.40 4.09
C LEU B 149 25.14 -7.97 3.98
N PRO B 150 24.17 -7.15 3.54
CA PRO B 150 22.81 -7.65 3.39
C PRO B 150 22.54 -7.99 1.94
N GLN B 151 21.74 -9.02 1.69
CA GLN B 151 21.45 -9.33 0.32
C GLN B 151 20.50 -8.21 -0.15
N GLY B 152 20.59 -7.80 -1.42
CA GLY B 152 19.68 -6.77 -1.91
C GLY B 152 20.11 -5.33 -1.71
N TRP B 153 21.23 -5.14 -1.03
CA TRP B 153 21.76 -3.79 -0.83
C TRP B 153 22.74 -3.57 -1.96
N LYS B 154 22.68 -2.43 -2.62
CA LYS B 154 23.56 -2.24 -3.77
C LYS B 154 25.03 -2.31 -3.40
N GLY B 155 25.36 -1.79 -2.24
CA GLY B 155 26.75 -1.79 -1.81
C GLY B 155 27.34 -3.14 -1.44
N SER B 156 26.57 -4.20 -1.62
CA SER B 156 27.08 -5.52 -1.29
C SER B 156 27.89 -6.14 -2.40
N PRO B 157 27.27 -6.38 -3.55
CA PRO B 157 28.06 -6.98 -4.61
C PRO B 157 29.30 -6.12 -4.94
N ALA B 158 29.15 -4.80 -4.81
CA ALA B 158 30.25 -3.86 -5.07
C ALA B 158 31.39 -4.14 -4.12
N ILE B 159 31.09 -4.03 -2.83
CA ILE B 159 32.08 -4.26 -1.77
C ILE B 159 32.67 -5.66 -1.75
N PHE B 160 32.04 -6.59 -2.45
CA PHE B 160 32.49 -7.96 -2.49
C PHE B 160 33.02 -8.20 -3.88
N GLN B 161 33.27 -7.13 -4.62
CA GLN B 161 33.70 -7.31 -6.00
C GLN B 161 35.07 -7.92 -6.17
N SER B 162 36.04 -7.47 -5.38
CA SER B 162 37.36 -8.05 -5.52
C SER B 162 37.21 -9.54 -5.24
N SER B 163 36.67 -9.86 -4.06
CA SER B 163 36.50 -11.26 -3.68
C SER B 163 35.72 -12.10 -4.71
N MET B 164 34.80 -11.48 -5.44
CA MET B 164 34.02 -12.22 -6.41
C MET B 164 34.83 -12.57 -7.66
N THR B 165 35.47 -11.57 -8.24
CA THR B 165 36.26 -11.79 -9.44
C THR B 165 37.21 -12.96 -9.15
N LYS B 166 37.97 -12.81 -8.07
CA LYS B 166 38.91 -13.86 -7.67
C LYS B 166 38.25 -15.22 -7.82
N ILE B 167 37.34 -15.54 -6.93
CA ILE B 167 36.67 -16.83 -6.99
C ILE B 167 36.14 -17.17 -8.39
N LEU B 168 36.06 -16.18 -9.27
CA LEU B 168 35.54 -16.47 -10.61
C LEU B 168 36.56 -16.82 -11.70
N GLU B 169 37.65 -16.06 -11.81
CA GLU B 169 38.70 -16.30 -12.82
C GLU B 169 38.90 -17.76 -13.25
N PRO B 170 39.41 -18.59 -12.34
CA PRO B 170 39.65 -20.00 -12.62
C PRO B 170 38.63 -20.69 -13.51
N PHE B 171 37.36 -20.28 -13.39
CA PHE B 171 36.28 -20.91 -14.18
C PHE B 171 36.11 -20.29 -15.56
N ARG B 172 36.50 -19.02 -15.64
CA ARG B 172 36.41 -18.28 -16.88
C ARG B 172 37.51 -18.74 -17.83
N LYS B 173 38.71 -18.90 -17.27
CA LYS B 173 39.86 -19.34 -18.03
C LYS B 173 39.65 -20.77 -18.50
N GLN B 174 39.15 -21.60 -17.60
CA GLN B 174 38.86 -22.99 -17.94
C GLN B 174 37.83 -22.99 -19.06
N ASN B 175 36.86 -22.08 -18.96
CA ASN B 175 35.83 -21.97 -19.99
C ASN B 175 35.74 -20.49 -20.33
N PRO B 176 36.55 -20.03 -21.30
CA PRO B 176 36.55 -18.62 -21.70
C PRO B 176 35.50 -18.31 -22.78
N ASP B 177 34.78 -19.35 -23.23
CA ASP B 177 33.73 -19.21 -24.23
C ASP B 177 32.43 -18.94 -23.47
N ILE B 178 32.54 -18.97 -22.14
CA ILE B 178 31.41 -18.76 -21.25
C ILE B 178 31.52 -17.42 -20.56
N VAL B 179 30.42 -16.65 -20.60
CA VAL B 179 30.38 -15.33 -19.96
C VAL B 179 29.59 -15.33 -18.65
N ILE B 180 30.08 -14.52 -17.72
CA ILE B 180 29.46 -14.38 -16.41
C ILE B 180 29.34 -12.91 -16.09
N TYR B 181 28.13 -12.50 -15.74
CA TYR B 181 27.84 -11.11 -15.39
C TYR B 181 27.09 -11.04 -14.08
N GLN B 182 27.54 -10.12 -13.22
CA GLN B 182 26.93 -9.97 -11.91
C GLN B 182 26.02 -8.76 -11.70
N TYR B 183 24.75 -9.04 -11.40
CA TYR B 183 23.76 -8.01 -11.09
C TYR B 183 23.24 -8.33 -9.67
N MET B 184 23.52 -7.42 -8.74
CA MET B 184 23.12 -7.60 -7.35
C MET B 184 23.55 -8.97 -6.84
N ASP B 185 22.58 -9.74 -6.34
CA ASP B 185 22.83 -11.06 -5.79
C ASP B 185 22.93 -12.10 -6.90
N ASP B 186 22.61 -11.72 -8.13
CA ASP B 186 22.59 -12.68 -9.23
C ASP B 186 23.81 -12.85 -10.04
N LEU B 187 23.91 -14.05 -10.63
CA LEU B 187 24.99 -14.35 -11.51
C LEU B 187 24.35 -14.91 -12.77
N TYR B 188 24.58 -14.20 -13.88
CA TYR B 188 24.05 -14.61 -15.16
C TYR B 188 25.22 -15.22 -15.91
N VAL B 189 25.12 -16.52 -16.19
CA VAL B 189 26.16 -17.27 -16.88
C VAL B 189 25.71 -17.56 -18.30
N GLY B 190 26.51 -17.15 -19.28
CA GLY B 190 26.14 -17.34 -20.68
C GLY B 190 27.13 -18.07 -21.59
N SER B 191 26.63 -19.13 -22.24
CA SER B 191 27.42 -19.97 -23.15
C SER B 191 26.64 -20.28 -24.43
N ASP B 192 27.26 -21.06 -25.30
CA ASP B 192 26.65 -21.47 -26.57
C ASP B 192 26.56 -23.00 -26.67
N LEU B 193 27.02 -23.70 -25.64
CA LEU B 193 26.98 -25.17 -25.61
C LEU B 193 25.55 -25.63 -25.72
N GLU B 194 25.34 -26.88 -26.08
CA GLU B 194 23.98 -27.38 -26.20
C GLU B 194 23.47 -27.54 -24.77
N ILE B 195 22.14 -27.53 -24.63
CA ILE B 195 21.49 -27.64 -23.33
C ILE B 195 22.22 -28.51 -22.28
N GLY B 196 22.41 -29.80 -22.60
CA GLY B 196 23.08 -30.71 -21.68
C GLY B 196 24.50 -30.33 -21.31
N GLN B 197 25.30 -29.99 -22.32
CA GLN B 197 26.69 -29.61 -22.12
C GLN B 197 26.74 -28.28 -21.41
N HIS B 198 25.70 -27.49 -21.58
CA HIS B 198 25.61 -26.19 -20.94
C HIS B 198 25.36 -26.40 -19.46
N ARG B 199 24.18 -26.95 -19.17
CA ARG B 199 23.75 -27.19 -17.79
C ARG B 199 24.73 -27.99 -16.95
N THR B 200 25.37 -28.97 -17.56
CA THR B 200 26.35 -29.77 -16.84
C THR B 200 27.50 -28.83 -16.48
N LYS B 201 27.85 -27.94 -17.42
CA LYS B 201 28.95 -26.98 -17.24
C LYS B 201 28.61 -25.91 -16.20
N ILE B 202 27.31 -25.66 -15.99
CA ILE B 202 26.86 -24.69 -15.01
C ILE B 202 27.05 -25.31 -13.63
N GLU B 203 26.69 -26.59 -13.55
CA GLU B 203 26.83 -27.34 -12.31
C GLU B 203 28.30 -27.39 -12.00
N GLU B 204 29.12 -27.39 -13.04
CA GLU B 204 30.56 -27.39 -12.83
C GLU B 204 30.93 -26.04 -12.22
N LEU B 205 30.11 -25.04 -12.49
CA LEU B 205 30.34 -23.70 -11.93
C LEU B 205 29.79 -23.65 -10.52
N ARG B 206 28.58 -24.17 -10.31
CA ARG B 206 28.03 -24.15 -8.98
C ARG B 206 29.02 -24.87 -8.06
N GLN B 207 29.27 -26.14 -8.34
CA GLN B 207 30.21 -26.93 -7.54
C GLN B 207 31.41 -26.07 -7.18
N HIS B 208 31.99 -25.41 -8.18
CA HIS B 208 33.14 -24.54 -7.95
C HIS B 208 32.82 -23.45 -6.91
N LEU B 209 31.65 -22.84 -7.07
CA LEU B 209 31.21 -21.78 -6.16
C LEU B 209 30.95 -22.36 -4.79
N LEU B 210 30.26 -23.49 -4.78
CA LEU B 210 29.88 -24.17 -3.55
C LEU B 210 31.04 -24.51 -2.60
N ARG B 211 32.26 -24.59 -3.11
CA ARG B 211 33.36 -24.91 -2.20
C ARG B 211 33.90 -23.66 -1.52
N TRP B 212 32.99 -22.76 -1.16
CA TRP B 212 33.32 -21.50 -0.49
C TRP B 212 32.12 -21.12 0.36
N GLY B 213 30.94 -21.21 -0.27
CA GLY B 213 29.70 -20.90 0.41
C GLY B 213 28.58 -20.36 -0.47
N LEU B 214 28.31 -20.99 -1.61
CA LEU B 214 27.22 -20.50 -2.45
C LEU B 214 26.19 -21.57 -2.80
N THR B 215 25.34 -21.41 -3.82
CA THR B 215 24.32 -22.44 -3.87
C THR B 215 23.27 -22.83 -4.86
N THR B 216 22.91 -22.05 -5.86
CA THR B 216 21.70 -22.54 -6.51
C THR B 216 21.28 -22.34 -7.97
N GLU B 233 16.62 -20.09 -16.96
CA GLU B 233 17.12 -20.71 -18.17
C GLU B 233 16.64 -19.88 -19.32
N LEU B 234 17.35 -18.79 -19.58
CA LEU B 234 16.98 -17.87 -20.65
C LEU B 234 17.69 -18.22 -21.94
N HIS B 235 17.10 -17.82 -23.05
CA HIS B 235 17.65 -18.05 -24.39
C HIS B 235 17.56 -16.74 -25.19
N PRO B 236 18.35 -15.72 -24.80
CA PRO B 236 18.47 -14.37 -25.38
C PRO B 236 18.49 -14.28 -26.90
N ASP B 237 19.14 -15.24 -27.56
CA ASP B 237 19.21 -15.20 -29.03
C ASP B 237 17.85 -15.48 -29.70
N LYS B 238 16.91 -16.04 -28.95
CA LYS B 238 15.57 -16.32 -29.46
C LYS B 238 14.54 -15.17 -29.29
N TRP B 239 14.84 -14.17 -28.46
CA TRP B 239 13.90 -13.06 -28.25
C TRP B 239 13.80 -12.23 -29.50
N THR B 240 12.68 -12.43 -30.21
CA THR B 240 12.46 -11.75 -31.46
C THR B 240 11.76 -10.40 -31.33
N VAL B 241 12.15 -9.49 -32.23
CA VAL B 241 11.59 -8.16 -32.33
C VAL B 241 10.34 -8.36 -33.19
N GLN B 242 9.17 -8.24 -32.58
CA GLN B 242 7.96 -8.45 -33.35
C GLN B 242 7.25 -7.22 -33.86
N PRO B 243 6.92 -7.24 -35.16
CA PRO B 243 6.24 -6.14 -35.84
C PRO B 243 4.75 -6.05 -35.61
N ILE B 244 4.20 -5.02 -36.21
CA ILE B 244 2.79 -4.75 -36.19
C ILE B 244 2.26 -5.28 -37.50
N VAL B 245 1.18 -6.03 -37.43
CA VAL B 245 0.61 -6.54 -38.63
C VAL B 245 -0.75 -5.92 -38.66
N LEU B 246 -1.16 -5.50 -39.84
CA LEU B 246 -2.45 -4.88 -40.00
C LEU B 246 -3.44 -5.93 -40.49
N PRO B 247 -4.70 -5.74 -40.14
CA PRO B 247 -5.72 -6.69 -40.57
C PRO B 247 -5.83 -6.81 -42.09
N GLU B 248 -6.20 -8.01 -42.53
CA GLU B 248 -6.41 -8.28 -43.95
C GLU B 248 -7.83 -8.82 -44.06
N LYS B 249 -8.59 -8.30 -45.02
CA LYS B 249 -9.96 -8.75 -45.16
C LYS B 249 -10.44 -8.90 -46.58
N ASP B 250 -11.39 -9.82 -46.76
CA ASP B 250 -11.97 -10.06 -48.07
C ASP B 250 -12.63 -8.72 -48.37
N SER B 251 -13.52 -8.34 -47.47
CA SER B 251 -14.28 -7.12 -47.55
C SER B 251 -14.03 -6.22 -46.36
N TRP B 252 -14.08 -4.91 -46.59
CA TRP B 252 -13.90 -3.94 -45.52
C TRP B 252 -15.19 -3.13 -45.25
N THR B 253 -15.59 -3.04 -44.00
CA THR B 253 -16.76 -2.24 -43.70
C THR B 253 -16.32 -0.85 -43.25
N VAL B 254 -17.28 0.05 -43.12
CA VAL B 254 -17.01 1.40 -42.67
C VAL B 254 -16.31 1.32 -41.31
N ASN B 255 -16.75 0.38 -40.48
CA ASN B 255 -16.18 0.22 -39.17
C ASN B 255 -14.73 -0.25 -39.26
N ASP B 256 -14.54 -1.37 -39.95
CA ASP B 256 -13.22 -1.94 -40.15
C ASP B 256 -12.21 -0.86 -40.51
N ILE B 257 -12.59 -0.06 -41.51
CA ILE B 257 -11.75 1.01 -42.01
C ILE B 257 -11.53 2.05 -40.93
N GLN B 258 -12.56 2.39 -40.17
CA GLN B 258 -12.36 3.36 -39.11
C GLN B 258 -11.29 2.78 -38.19
N LYS B 259 -11.62 1.72 -37.45
CA LYS B 259 -10.62 1.13 -36.54
C LYS B 259 -9.22 1.14 -37.15
N LEU B 260 -9.09 0.62 -38.38
CA LEU B 260 -7.80 0.59 -39.04
C LEU B 260 -7.20 2.00 -39.10
N VAL B 261 -7.96 2.95 -39.64
CA VAL B 261 -7.51 4.34 -39.76
C VAL B 261 -7.10 4.93 -38.42
N GLY B 262 -7.65 4.37 -37.34
CA GLY B 262 -7.30 4.86 -36.02
C GLY B 262 -5.94 4.33 -35.60
N LYS B 263 -5.73 3.01 -35.70
CA LYS B 263 -4.46 2.42 -35.32
C LYS B 263 -3.37 3.10 -36.11
N LEU B 264 -3.59 3.24 -37.40
CA LEU B 264 -2.61 3.89 -38.26
C LEU B 264 -2.31 5.31 -37.78
N ASN B 265 -3.37 6.06 -37.47
CA ASN B 265 -3.23 7.45 -37.03
C ASN B 265 -2.29 7.51 -35.87
N TRP B 266 -2.71 6.91 -34.78
CA TRP B 266 -1.89 6.88 -33.59
C TRP B 266 -0.46 6.47 -34.01
N ALA B 267 -0.32 5.31 -34.65
CA ALA B 267 0.98 4.85 -35.11
C ALA B 267 1.78 5.87 -35.92
N SER B 268 1.11 6.85 -36.53
CA SER B 268 1.86 7.81 -37.32
C SER B 268 2.78 8.59 -36.40
N GLN B 269 2.65 8.36 -35.10
CA GLN B 269 3.48 8.99 -34.08
C GLN B 269 4.88 8.36 -34.01
N ILE B 270 5.04 7.17 -34.57
CA ILE B 270 6.31 6.46 -34.56
C ILE B 270 6.91 6.50 -35.95
N TYR B 271 6.16 6.01 -36.93
CA TYR B 271 6.57 6.01 -38.32
C TYR B 271 5.73 7.12 -38.93
N PRO B 272 6.37 8.27 -39.24
CA PRO B 272 5.66 9.41 -39.83
C PRO B 272 5.32 9.33 -41.31
N GLY B 273 5.74 8.25 -41.95
CA GLY B 273 5.42 8.10 -43.36
C GLY B 273 4.06 7.43 -43.51
N ILE B 274 3.54 6.88 -42.42
CA ILE B 274 2.26 6.22 -42.46
C ILE B 274 1.14 7.17 -42.78
N LYS B 275 0.44 6.92 -43.89
CA LYS B 275 -0.63 7.80 -44.34
C LYS B 275 -2.03 7.20 -44.38
N VAL B 276 -3.01 8.02 -44.03
CA VAL B 276 -4.40 7.63 -43.98
C VAL B 276 -5.30 8.52 -44.85
N ARG B 277 -4.74 9.30 -45.78
CA ARG B 277 -5.61 10.16 -46.58
C ARG B 277 -6.55 9.35 -47.45
N GLN B 278 -6.01 8.55 -48.35
CA GLN B 278 -6.83 7.72 -49.22
C GLN B 278 -7.89 6.91 -48.48
N LEU B 279 -7.53 6.33 -47.34
CA LEU B 279 -8.47 5.58 -46.56
C LEU B 279 -9.54 6.51 -46.01
N CYS B 280 -9.09 7.55 -45.30
CA CYS B 280 -10.02 8.50 -44.69
C CYS B 280 -10.98 9.08 -45.71
N LYS B 281 -10.67 8.90 -46.99
CA LYS B 281 -11.54 9.39 -48.03
C LYS B 281 -12.74 8.48 -48.15
N LEU B 282 -12.44 7.19 -48.24
CA LEU B 282 -13.47 6.16 -48.35
C LEU B 282 -14.54 6.38 -47.31
N LEU B 283 -14.16 6.97 -46.18
CA LEU B 283 -15.09 7.20 -45.09
C LEU B 283 -15.99 8.42 -45.14
N ARG B 284 -15.77 9.28 -46.12
CA ARG B 284 -16.57 10.49 -46.29
C ARG B 284 -18.05 10.06 -46.34
N GLY B 285 -18.95 10.90 -45.82
CA GLY B 285 -20.37 10.56 -45.83
C GLY B 285 -20.85 9.89 -44.54
N THR B 286 -22.16 9.77 -44.37
CA THR B 286 -22.68 9.17 -43.16
C THR B 286 -23.35 7.79 -43.37
N LYS B 287 -22.54 6.77 -43.59
CA LYS B 287 -23.08 5.42 -43.84
C LYS B 287 -22.96 4.43 -42.69
N ALA B 288 -23.85 3.45 -42.67
CA ALA B 288 -23.88 2.44 -41.59
C ALA B 288 -22.55 1.76 -41.40
N LEU B 289 -22.14 1.68 -40.15
CA LEU B 289 -20.87 1.07 -39.84
C LEU B 289 -20.77 -0.25 -40.53
N THR B 290 -21.92 -0.92 -40.65
CA THR B 290 -21.98 -2.24 -41.27
C THR B 290 -21.83 -2.34 -42.79
N GLU B 291 -22.01 -1.22 -43.48
CA GLU B 291 -21.89 -1.17 -44.94
C GLU B 291 -20.53 -1.49 -45.51
N VAL B 292 -20.50 -2.29 -46.56
CA VAL B 292 -19.21 -2.62 -47.13
C VAL B 292 -18.73 -1.58 -48.13
N ILE B 293 -17.51 -1.11 -47.93
CA ILE B 293 -16.93 -0.14 -48.81
C ILE B 293 -15.91 -0.85 -49.71
N PRO B 294 -15.87 -0.48 -50.99
CA PRO B 294 -14.93 -1.07 -51.94
C PRO B 294 -13.64 -0.25 -51.85
N LEU B 295 -12.49 -0.91 -51.90
CA LEU B 295 -11.22 -0.20 -51.80
C LEU B 295 -10.61 0.34 -53.09
N THR B 296 -10.49 1.66 -53.15
CA THR B 296 -9.89 2.34 -54.29
C THR B 296 -8.43 1.89 -54.42
N GLU B 297 -7.88 1.87 -55.64
CA GLU B 297 -6.50 1.43 -55.81
C GLU B 297 -5.48 2.30 -55.05
N GLU B 298 -5.74 3.60 -54.98
CA GLU B 298 -4.84 4.50 -54.26
C GLU B 298 -4.92 4.05 -52.82
N ALA B 299 -6.13 3.81 -52.34
CA ALA B 299 -6.30 3.36 -50.97
C ALA B 299 -5.49 2.07 -50.76
N GLU B 300 -5.53 1.15 -51.72
CA GLU B 300 -4.78 -0.09 -51.57
C GLU B 300 -3.28 0.06 -51.47
N LEU B 301 -2.73 1.00 -52.23
CA LEU B 301 -1.30 1.28 -52.21
C LEU B 301 -0.96 1.77 -50.81
N GLU B 302 -1.69 2.80 -50.40
CA GLU B 302 -1.50 3.41 -49.09
C GLU B 302 -1.38 2.32 -48.03
N LEU B 303 -2.30 1.38 -48.05
CA LEU B 303 -2.24 0.30 -47.08
C LEU B 303 -0.96 -0.47 -47.31
N ALA B 304 -0.77 -0.90 -48.54
CA ALA B 304 0.42 -1.66 -48.90
C ALA B 304 1.68 -0.92 -48.44
N GLU B 305 1.75 0.37 -48.76
CA GLU B 305 2.87 1.20 -48.35
C GLU B 305 3.02 1.20 -46.81
N ASN B 306 1.90 1.28 -46.10
CA ASN B 306 1.93 1.27 -44.64
C ASN B 306 2.35 -0.11 -44.08
N ARG B 307 1.92 -1.20 -44.70
CA ARG B 307 2.41 -2.50 -44.24
C ARG B 307 3.96 -2.49 -44.42
N GLU B 308 4.44 -1.90 -45.52
CA GLU B 308 5.87 -1.86 -45.77
C GLU B 308 6.64 -1.09 -44.72
N ILE B 309 6.15 0.09 -44.35
CA ILE B 309 6.85 0.87 -43.34
C ILE B 309 6.94 0.09 -42.02
N LEU B 310 5.84 -0.52 -41.59
CA LEU B 310 5.81 -1.26 -40.33
C LEU B 310 6.62 -2.54 -40.28
N LYS B 311 7.12 -2.99 -41.44
CA LYS B 311 7.90 -4.21 -41.49
C LYS B 311 9.19 -4.24 -40.65
N GLU B 312 9.64 -3.09 -40.16
CA GLU B 312 10.86 -3.01 -39.34
C GLU B 312 10.74 -1.93 -38.27
N PRO B 313 11.48 -2.08 -37.16
CA PRO B 313 11.42 -1.10 -36.07
C PRO B 313 11.81 0.30 -36.57
N VAL B 314 11.38 1.35 -35.87
CA VAL B 314 11.77 2.67 -36.32
C VAL B 314 13.31 2.79 -36.25
N HIS B 315 13.92 3.44 -37.24
CA HIS B 315 15.36 3.63 -37.25
C HIS B 315 15.71 4.65 -36.16
N GLY B 316 17.00 4.87 -35.96
CA GLY B 316 17.44 5.87 -35.02
C GLY B 316 17.17 5.72 -33.55
N VAL B 317 16.92 4.50 -33.08
CA VAL B 317 16.72 4.32 -31.64
C VAL B 317 17.93 3.59 -31.13
N TYR B 318 18.64 4.24 -30.21
CA TYR B 318 19.85 3.71 -29.60
C TYR B 318 19.85 3.88 -28.10
N TYR B 319 20.36 2.91 -27.38
CA TYR B 319 20.39 2.99 -25.94
C TYR B 319 21.37 4.02 -25.40
N ASP B 320 20.89 4.82 -24.46
CA ASP B 320 21.72 5.81 -23.82
C ASP B 320 21.82 5.41 -22.35
N PRO B 321 23.00 4.98 -21.92
CA PRO B 321 23.29 4.55 -20.56
C PRO B 321 23.09 5.61 -19.49
N SER B 322 23.02 6.87 -19.90
CA SER B 322 22.85 7.96 -18.95
C SER B 322 21.40 8.26 -18.62
N LYS B 323 20.49 7.59 -19.33
CA LYS B 323 19.07 7.80 -19.14
C LYS B 323 18.36 6.65 -18.42
N ASP B 324 17.20 6.91 -17.85
CA ASP B 324 16.48 5.83 -17.18
C ASP B 324 15.88 4.90 -18.25
N LEU B 325 15.51 3.70 -17.85
CA LEU B 325 14.90 2.72 -18.73
C LEU B 325 13.44 2.71 -18.33
N ILE B 326 12.53 2.75 -19.28
CA ILE B 326 11.14 2.73 -18.86
C ILE B 326 10.45 1.56 -19.47
N ALA B 327 9.72 0.85 -18.63
CA ALA B 327 8.98 -0.34 -19.03
C ALA B 327 7.52 -0.09 -18.78
N GLU B 328 6.73 -0.05 -19.85
CA GLU B 328 5.30 0.15 -19.71
C GLU B 328 4.62 -1.14 -20.17
N ILE B 329 3.50 -1.46 -19.52
CA ILE B 329 2.73 -2.66 -19.75
C ILE B 329 1.23 -2.35 -19.89
N GLN B 330 0.54 -3.01 -20.84
CA GLN B 330 -0.90 -2.86 -21.03
C GLN B 330 -1.52 -4.25 -20.92
N LYS B 331 -2.66 -4.38 -20.24
CA LYS B 331 -3.30 -5.68 -20.12
C LYS B 331 -4.24 -5.89 -21.30
N GLN B 332 -3.80 -6.78 -22.18
CA GLN B 332 -4.56 -7.08 -23.37
C GLN B 332 -5.78 -7.93 -23.09
N GLY B 333 -5.89 -8.45 -21.87
CA GLY B 333 -7.03 -9.27 -21.54
C GLY B 333 -6.80 -10.72 -21.95
N GLN B 334 -7.71 -11.58 -21.52
CA GLN B 334 -7.57 -13.00 -21.83
C GLN B 334 -6.19 -13.56 -21.43
N GLY B 335 -5.51 -12.90 -20.49
CA GLY B 335 -4.21 -13.38 -20.03
C GLY B 335 -3.00 -12.97 -20.84
N GLN B 336 -3.21 -12.13 -21.86
CA GLN B 336 -2.13 -11.62 -22.73
C GLN B 336 -1.70 -10.26 -22.19
N TRP B 337 -0.42 -9.95 -22.33
CA TRP B 337 0.09 -8.66 -21.86
C TRP B 337 1.08 -8.09 -22.88
N THR B 338 1.08 -6.78 -23.08
CA THR B 338 2.01 -6.19 -24.03
C THR B 338 2.90 -5.19 -23.32
N TYR B 339 4.14 -5.08 -23.77
CA TYR B 339 5.05 -4.17 -23.14
C TYR B 339 6.06 -3.48 -24.05
N GLN B 340 6.55 -2.34 -23.58
CA GLN B 340 7.57 -1.62 -24.32
C GLN B 340 8.63 -1.08 -23.37
N ILE B 341 9.89 -1.20 -23.77
CA ILE B 341 10.96 -0.67 -22.96
C ILE B 341 11.41 0.44 -23.83
N TYR B 342 11.51 1.63 -23.27
CA TYR B 342 11.90 2.77 -24.04
C TYR B 342 12.51 3.79 -23.12
N GLN B 343 13.16 4.80 -23.69
CA GLN B 343 13.71 5.86 -22.88
C GLN B 343 13.04 7.12 -23.37
N GLU B 344 12.84 7.18 -24.69
CA GLU B 344 12.16 8.33 -25.29
C GLU B 344 10.84 7.81 -25.82
N PRO B 345 9.73 8.53 -25.56
CA PRO B 345 8.38 8.15 -26.01
C PRO B 345 8.41 7.78 -27.49
N PHE B 346 7.85 6.62 -27.83
CA PHE B 346 7.79 6.11 -29.21
C PHE B 346 9.12 5.67 -29.84
N LYS B 347 10.18 5.69 -29.05
CA LYS B 347 11.48 5.28 -29.54
C LYS B 347 11.79 4.08 -28.69
N ASN B 348 11.16 2.98 -29.06
CA ASN B 348 11.28 1.73 -28.35
C ASN B 348 12.55 0.94 -28.58
N LEU B 349 13.14 0.55 -27.47
CA LEU B 349 14.33 -0.26 -27.43
C LEU B 349 13.93 -1.71 -27.69
N LYS B 350 12.77 -2.10 -27.17
CA LYS B 350 12.26 -3.45 -27.35
C LYS B 350 10.79 -3.48 -27.04
N THR B 351 10.08 -4.46 -27.59
CA THR B 351 8.65 -4.61 -27.35
C THR B 351 8.29 -6.08 -27.29
N GLY B 352 7.23 -6.39 -26.57
CA GLY B 352 6.85 -7.76 -26.45
C GLY B 352 5.44 -7.96 -25.98
N LYS B 353 5.10 -9.22 -25.86
CA LYS B 353 3.81 -9.65 -25.43
C LYS B 353 4.23 -10.72 -24.46
N TYR B 354 3.37 -11.03 -23.49
CA TYR B 354 3.63 -12.09 -22.52
C TYR B 354 2.26 -12.69 -22.32
N ALA B 355 2.13 -13.98 -22.57
CA ALA B 355 0.85 -14.67 -22.39
C ALA B 355 0.89 -15.49 -21.08
N ARG B 356 -0.16 -15.36 -20.26
CA ARG B 356 -0.25 -16.04 -18.96
C ARG B 356 0.28 -17.46 -18.94
N MET B 357 0.83 -17.84 -17.80
CA MET B 357 1.38 -19.18 -17.60
C MET B 357 0.35 -20.09 -16.97
N ARG B 358 0.54 -21.40 -17.16
CA ARG B 358 -0.35 -22.41 -16.61
C ARG B 358 -0.56 -22.20 -15.10
N GLY B 359 -1.83 -22.14 -14.67
CA GLY B 359 -2.14 -21.94 -13.26
C GLY B 359 -2.64 -20.58 -12.83
N ALA B 360 -2.21 -19.51 -13.50
CA ALA B 360 -2.61 -18.15 -13.14
C ALA B 360 -3.98 -17.72 -13.66
N HIS B 361 -4.71 -18.64 -14.28
CA HIS B 361 -6.02 -18.32 -14.84
C HIS B 361 -6.85 -17.29 -14.10
N THR B 362 -7.14 -17.56 -12.82
CA THR B 362 -7.95 -16.62 -12.08
C THR B 362 -7.12 -15.52 -11.38
N ASN B 363 -5.93 -15.19 -11.91
CA ASN B 363 -5.13 -14.18 -11.25
C ASN B 363 -4.31 -13.14 -12.06
N ASP B 364 -4.89 -11.96 -12.21
CA ASP B 364 -4.26 -10.85 -12.93
C ASP B 364 -2.95 -10.51 -12.24
N VAL B 365 -3.02 -10.34 -10.92
CA VAL B 365 -1.87 -9.96 -10.13
C VAL B 365 -0.65 -10.85 -10.33
N LYS B 366 -0.89 -12.15 -10.41
CA LYS B 366 0.17 -13.10 -10.61
C LYS B 366 0.82 -12.92 -11.99
N GLN B 367 0.01 -12.89 -13.04
CA GLN B 367 0.57 -12.72 -14.40
C GLN B 367 1.41 -11.49 -14.49
N LEU B 368 0.93 -10.40 -13.89
CA LEU B 368 1.62 -9.12 -13.91
C LEU B 368 2.98 -9.21 -13.20
N THR B 369 2.99 -9.59 -11.92
CA THR B 369 4.25 -9.70 -11.21
C THR B 369 5.18 -10.60 -12.01
N GLU B 370 4.60 -11.67 -12.56
CA GLU B 370 5.35 -12.63 -13.40
C GLU B 370 5.89 -11.89 -14.61
N ALA B 371 5.04 -11.25 -15.38
CA ALA B 371 5.51 -10.47 -16.51
C ALA B 371 6.62 -9.49 -16.04
N VAL B 372 6.38 -8.73 -14.98
CA VAL B 372 7.40 -7.78 -14.51
C VAL B 372 8.76 -8.44 -14.28
N GLN B 373 8.78 -9.55 -13.55
CA GLN B 373 10.06 -10.24 -13.28
C GLN B 373 10.71 -10.56 -14.61
N LYS B 374 9.92 -11.15 -15.51
CA LYS B 374 10.41 -11.51 -16.83
C LYS B 374 11.02 -10.29 -17.54
N ILE B 375 10.21 -9.28 -17.85
CA ILE B 375 10.70 -8.06 -18.49
C ILE B 375 11.96 -7.48 -17.82
N THR B 376 11.97 -7.48 -16.49
CA THR B 376 13.10 -6.94 -15.74
C THR B 376 14.37 -7.73 -15.93
N THR B 377 14.24 -9.04 -16.06
CA THR B 377 15.42 -9.88 -16.26
C THR B 377 15.96 -9.64 -17.68
N GLU B 378 15.05 -9.54 -18.66
CA GLU B 378 15.49 -9.25 -19.99
C GLU B 378 16.33 -7.98 -19.94
N SER B 379 15.78 -6.93 -19.38
CA SER B 379 16.52 -5.69 -19.30
C SER B 379 17.88 -5.88 -18.65
N ILE B 380 17.95 -6.70 -17.61
CA ILE B 380 19.24 -6.88 -16.97
C ILE B 380 20.18 -7.54 -17.98
N VAL B 381 19.72 -8.60 -18.63
CA VAL B 381 20.50 -9.31 -19.65
C VAL B 381 21.01 -8.41 -20.78
N ILE B 382 20.12 -7.57 -21.30
CA ILE B 382 20.41 -6.69 -22.42
C ILE B 382 21.24 -5.47 -22.09
N TRP B 383 20.89 -4.77 -21.02
CA TRP B 383 21.65 -3.56 -20.67
C TRP B 383 22.22 -3.53 -19.24
N GLY B 384 22.01 -4.58 -18.47
CA GLY B 384 22.57 -4.58 -17.14
C GLY B 384 22.04 -3.57 -16.15
N LYS B 385 20.74 -3.32 -16.22
CA LYS B 385 20.09 -2.42 -15.28
C LYS B 385 18.61 -2.71 -15.40
N THR B 386 17.90 -2.46 -14.31
CA THR B 386 16.47 -2.70 -14.25
C THR B 386 15.68 -1.50 -14.75
N PRO B 387 14.53 -1.74 -15.42
CA PRO B 387 13.74 -0.61 -15.90
C PRO B 387 12.79 -0.13 -14.84
N LYS B 388 12.26 1.07 -15.06
CA LYS B 388 11.32 1.65 -14.12
C LYS B 388 9.97 1.25 -14.76
N PHE B 389 9.03 0.75 -13.96
CA PHE B 389 7.76 0.29 -14.49
C PHE B 389 6.55 1.17 -14.27
N LYS B 390 5.64 1.11 -15.24
CA LYS B 390 4.36 1.81 -15.25
C LYS B 390 3.41 0.62 -15.27
N LEU B 391 2.75 0.35 -14.14
CA LEU B 391 1.86 -0.80 -14.08
C LEU B 391 0.37 -0.43 -14.07
N PRO B 392 -0.44 -1.14 -14.88
CA PRO B 392 -1.88 -0.92 -15.00
C PRO B 392 -2.63 -1.70 -13.93
N ILE B 393 -2.40 -1.33 -12.68
CA ILE B 393 -3.06 -1.96 -11.56
C ILE B 393 -3.10 -0.87 -10.48
N GLN B 394 -4.12 -0.91 -9.63
CA GLN B 394 -4.24 0.07 -8.58
C GLN B 394 -3.24 -0.24 -7.45
N LYS B 395 -2.55 0.81 -6.99
CA LYS B 395 -1.54 0.68 -5.92
C LYS B 395 -1.91 -0.25 -4.76
N GLU B 396 -3.17 -0.19 -4.31
CA GLU B 396 -3.61 -1.02 -3.19
C GLU B 396 -3.61 -2.49 -3.57
N THR B 397 -4.26 -2.80 -4.68
CA THR B 397 -4.25 -4.18 -5.12
C THR B 397 -2.80 -4.71 -5.20
N TRP B 398 -1.95 -3.98 -5.91
CA TRP B 398 -0.58 -4.41 -6.09
C TRP B 398 0.25 -4.54 -4.84
N GLU B 399 0.10 -3.58 -3.94
CA GLU B 399 0.87 -3.62 -2.71
C GLU B 399 0.43 -4.76 -1.78
N THR B 400 -0.86 -5.08 -1.86
CA THR B 400 -1.46 -6.11 -1.05
C THR B 400 -1.09 -7.51 -1.46
N TRP B 401 -0.65 -7.70 -2.69
CA TRP B 401 -0.39 -9.07 -3.13
C TRP B 401 0.80 -9.35 -4.01
N TRP B 402 1.61 -8.36 -4.34
CA TRP B 402 2.73 -8.65 -5.21
C TRP B 402 3.74 -9.60 -4.62
N THR B 403 3.83 -9.63 -3.29
CA THR B 403 4.77 -10.54 -2.62
C THR B 403 4.45 -12.00 -2.88
N GLU B 404 3.17 -12.34 -2.75
CA GLU B 404 2.70 -13.72 -2.93
C GLU B 404 3.27 -14.42 -4.16
N TYR B 405 3.77 -13.65 -5.12
CA TYR B 405 4.28 -14.28 -6.32
C TYR B 405 5.65 -13.79 -6.72
N TRP B 406 6.26 -12.94 -5.89
CA TRP B 406 7.59 -12.45 -6.25
C TRP B 406 8.55 -13.61 -6.10
N GLN B 407 9.53 -13.69 -6.99
CA GLN B 407 10.51 -14.77 -6.94
C GLN B 407 11.94 -14.35 -7.21
N ALA B 408 12.19 -13.09 -7.53
CA ALA B 408 13.55 -12.62 -7.78
C ALA B 408 14.17 -11.97 -6.55
N THR B 409 15.49 -11.74 -6.59
CA THR B 409 16.17 -11.17 -5.45
C THR B 409 16.14 -9.65 -5.47
N TRP B 410 16.07 -9.08 -6.66
CA TRP B 410 16.00 -7.62 -6.79
C TRP B 410 14.52 -7.22 -6.83
N ILE B 411 14.27 -5.92 -6.83
CA ILE B 411 12.91 -5.40 -6.93
C ILE B 411 13.00 -4.13 -7.75
N PRO B 412 12.35 -4.10 -8.91
CA PRO B 412 12.37 -2.90 -9.74
C PRO B 412 11.64 -1.72 -9.06
N GLU B 413 11.57 -0.59 -9.76
CA GLU B 413 10.88 0.62 -9.31
C GLU B 413 9.61 0.64 -10.14
N TRP B 414 8.48 1.04 -9.55
CA TRP B 414 7.22 1.08 -10.31
C TRP B 414 6.30 2.24 -9.92
N GLU B 415 5.33 2.51 -10.78
CA GLU B 415 4.35 3.56 -10.59
C GLU B 415 3.04 3.08 -11.23
N PHE B 416 1.91 3.43 -10.64
CA PHE B 416 0.64 2.94 -11.17
C PHE B 416 -0.05 3.88 -12.15
N VAL B 417 -0.59 3.33 -13.25
CA VAL B 417 -1.18 4.18 -14.27
C VAL B 417 -2.49 3.74 -14.90
N ASN B 418 -3.09 4.63 -15.69
CA ASN B 418 -4.35 4.39 -16.41
C ASN B 418 -4.14 4.22 -17.92
N THR B 419 -3.99 2.96 -18.32
CA THR B 419 -3.78 2.56 -19.70
C THR B 419 -4.56 3.29 -20.81
N PRO B 420 -3.85 4.10 -21.63
CA PRO B 420 -4.53 4.79 -22.73
C PRO B 420 -5.02 3.67 -23.68
N PRO B 421 -6.33 3.64 -23.97
CA PRO B 421 -7.00 2.66 -24.83
C PRO B 421 -6.41 2.43 -26.23
N LEU B 422 -5.58 3.35 -26.71
CA LEU B 422 -5.01 3.21 -28.04
C LEU B 422 -3.64 2.58 -28.09
N VAL B 423 -2.81 2.86 -27.08
CA VAL B 423 -1.48 2.28 -27.08
C VAL B 423 -1.69 0.77 -26.99
N LYS B 424 -2.76 0.41 -26.29
CA LYS B 424 -3.23 -0.97 -26.10
C LYS B 424 -3.66 -1.54 -27.47
N LEU B 425 -4.72 -0.95 -28.02
CA LEU B 425 -5.29 -1.29 -29.31
C LEU B 425 -4.27 -1.47 -30.41
N TRP B 426 -3.22 -0.66 -30.35
CA TRP B 426 -2.16 -0.73 -31.34
C TRP B 426 -1.28 -1.94 -31.13
N TYR B 427 -0.91 -2.24 -29.88
CA TYR B 427 0.00 -3.37 -29.65
C TYR B 427 -0.61 -4.76 -29.68
N GLN B 428 -1.93 -4.82 -29.58
CA GLN B 428 -2.67 -6.07 -29.67
C GLN B 428 -2.63 -6.45 -31.16
N LEU B 429 -2.04 -5.55 -31.93
CA LEU B 429 -1.89 -5.67 -33.37
C LEU B 429 -0.52 -6.27 -33.68
N GLU B 430 0.15 -6.78 -32.65
CA GLU B 430 1.46 -7.36 -32.84
C GLU B 430 1.41 -8.78 -33.42
N LYS B 431 2.43 -9.12 -34.20
CA LYS B 431 2.54 -10.43 -34.83
C LYS B 431 3.21 -11.41 -33.85
P PO4 C . 2.75 -0.14 14.44
O1 PO4 C . 2.20 -0.08 13.05
O2 PO4 C . 1.77 -0.79 15.33
O3 PO4 C . 4.02 -0.90 14.44
O4 PO4 C . 3.00 1.25 14.92
C1 GWJ D . -8.06 -11.56 25.29
C2 GWJ D . -7.50 -10.41 26.11
C3 GWJ D . -6.22 -10.40 26.47
C6 GWJ D . -7.21 -12.60 24.96
C4 GWJ D . -5.32 -11.49 26.10
C5 GWJ D . -5.78 -12.54 25.39
CL GWJ D . -3.71 -11.34 26.63
C7 GWJ D . -8.36 -9.29 26.54
O1 GWJ D . -9.46 -9.53 26.95
C8 GWJ D . -7.91 -7.85 26.48
C9 GWJ D . -7.19 -7.43 25.35
C10 GWJ D . -6.74 -6.13 25.24
C11 GWJ D . -7.00 -5.19 26.26
C12 GWJ D . -7.72 -5.60 27.40
C13 GWJ D . -8.18 -6.92 27.53
CL1 GWJ D . -5.86 -5.68 23.83
O2 GWJ D . -9.38 -11.50 24.93
C15 GWJ D . -10.16 -12.68 24.60
C16 GWJ D . -10.64 -13.23 25.94
O3 GWJ D . -10.95 -14.41 25.93
N1 GWJ D . -10.70 -12.41 27.05
C17 GWJ D . -10.90 -12.72 28.37
C18 GWJ D . -11.66 -11.75 29.28
C23 GWJ D . -12.21 -10.43 28.79
C19 GWJ D . -11.83 -12.06 30.59
C20 GWJ D . -11.32 -13.33 31.17
C21 GWJ D . -10.65 -14.20 30.35
C22 GWJ D . -10.43 -13.88 28.93
N3 GWJ D . -12.30 -15.13 32.89
S GWJ D . -11.55 -13.68 32.89
O4 GWJ D . -12.45 -12.71 33.48
O5 GWJ D . -10.27 -13.71 33.56
C26 GWJ D . -7.98 -4.64 28.42
N2 GWJ D . -8.18 -3.86 29.24
#